data_3JY6
#
_entry.id   3JY6
#
_cell.length_a   40.570
_cell.length_b   109.328
_cell.length_c   113.342
_cell.angle_alpha   90.00
_cell.angle_beta   95.17
_cell.angle_gamma   90.00
#
_symmetry.space_group_name_H-M   'P 1 21 1'
#
loop_
_entity.id
_entity.type
_entity.pdbx_description
1 polymer 'Transcriptional regulator, LacI family'
2 non-polymer 'CHLORIDE ION'
3 non-polymer 1,2-ETHANEDIOL
4 water water
#
_entity_poly.entity_id   1
_entity_poly.type   'polypeptide(L)'
_entity_poly.pdbx_seq_one_letter_code
;MSLTQSSKLIAVIVANIDDYFSTELFKGISSILESRGYIGVLFDANADIEREKTLLRAIGSRGFDGLILQSFSNPQTVQE
ILHQQMPVVSVDREMDACPWPQVVTDNFEAAKAATTAFRQQGYQHVVVLTSELELSRTRQERYRGILAAAQDVDVLEVSE
SSYNHSEVHQRLTQLITQNDQKTVAFALKERWLLEFFPNLIISGLIDNQTVTATGFADTDFIRRMEPKLTLITQNPFLMG
ASSAEIMLRQLAGEKVAPEKMVIPAKLQEGHHHHHH
;
_entity_poly.pdbx_strand_id   A,B,C,D
#
loop_
_chem_comp.id
_chem_comp.type
_chem_comp.name
_chem_comp.formula
CL non-polymer 'CHLORIDE ION' 'Cl -1'
EDO non-polymer 1,2-ETHANEDIOL 'C2 H6 O2'
#
# COMPACT_ATOMS: atom_id res chain seq x y z
N GLN A 5 14.19 1.28 47.24
CA GLN A 5 13.95 0.63 45.90
C GLN A 5 12.91 -0.47 45.98
N SER A 6 11.86 -0.35 45.19
CA SER A 6 10.77 -1.34 45.12
C SER A 6 10.23 -1.38 43.69
N SER A 7 9.14 -2.11 43.47
CA SER A 7 8.57 -2.23 42.12
C SER A 7 8.00 -0.91 41.60
N LYS A 8 7.36 -0.15 42.49
CA LYS A 8 6.76 1.14 42.15
C LYS A 8 5.60 0.97 41.16
N LEU A 9 5.05 -0.24 41.14
CA LEU A 9 3.93 -0.56 40.28
C LEU A 9 2.67 -0.55 41.13
N ILE A 10 1.66 0.17 40.65
CA ILE A 10 0.37 0.25 41.34
C ILE A 10 -0.65 -0.48 40.48
N ALA A 11 -1.31 -1.47 41.07
CA ALA A 11 -2.31 -2.23 40.33
C ALA A 11 -3.64 -1.50 40.33
N VAL A 12 -4.27 -1.45 39.16
CA VAL A 12 -5.58 -0.80 39.07
C VAL A 12 -6.52 -1.86 38.51
N ILE A 13 -7.51 -2.27 39.28
CA ILE A 13 -8.46 -3.26 38.77
C ILE A 13 -9.79 -2.60 38.47
N VAL A 14 -10.19 -2.60 37.20
CA VAL A 14 -11.47 -2.01 36.84
C VAL A 14 -12.52 -3.10 36.59
N ALA A 15 -13.79 -2.73 36.74
CA ALA A 15 -14.88 -3.66 36.53
C ALA A 15 -14.87 -4.27 35.13
N ASN A 16 -14.67 -3.43 34.12
CA ASN A 16 -14.64 -3.90 32.73
C ASN A 16 -13.96 -2.83 31.86
N ILE A 17 -12.90 -3.20 31.17
CA ILE A 17 -12.24 -2.20 30.35
C ILE A 17 -13.07 -1.70 29.17
N ASP A 18 -14.18 -2.35 28.87
CA ASP A 18 -15.03 -1.89 27.75
C ASP A 18 -15.72 -0.59 28.14
N ASP A 19 -15.76 -0.30 29.43
CA ASP A 19 -16.39 0.93 29.92
C ASP A 19 -15.42 2.09 29.79
N TYR A 20 -15.84 3.12 29.06
CA TYR A 20 -15.02 4.31 28.88
C TYR A 20 -14.66 4.88 30.25
N PHE A 21 -15.58 4.73 31.21
CA PHE A 21 -15.37 5.22 32.57
C PHE A 21 -14.09 4.63 33.18
N SER A 22 -13.84 3.37 32.88
CA SER A 22 -12.67 2.68 33.41
C SER A 22 -11.37 3.09 32.76
N THR A 23 -11.34 3.15 31.44
CA THR A 23 -10.12 3.52 30.75
C THR A 23 -9.72 4.95 31.06
N GLU A 24 -10.70 5.83 31.24
CA GLU A 24 -10.42 7.24 31.57
C GLU A 24 -9.94 7.28 33.00
N LEU A 25 -10.60 6.49 33.85
CA LEU A 25 -10.23 6.43 35.26
C LEU A 25 -8.73 6.13 35.30
N PHE A 26 -8.34 5.09 34.57
CA PHE A 26 -6.94 4.71 34.49
C PHE A 26 -6.02 5.82 33.98
N LYS A 27 -6.48 6.56 32.98
CA LYS A 27 -5.69 7.66 32.46
C LYS A 27 -5.45 8.69 33.56
N GLY A 28 -6.46 8.92 34.39
CA GLY A 28 -6.34 9.86 35.49
C GLY A 28 -5.28 9.39 36.49
N ILE A 29 -5.35 8.11 36.83
CA ILE A 29 -4.43 7.48 37.77
C ILE A 29 -2.98 7.55 37.28
N SER A 30 -2.80 7.30 35.99
CA SER A 30 -1.48 7.30 35.39
C SER A 30 -0.81 8.66 35.33
N SER A 31 -1.57 9.73 35.07
CA SER A 31 -0.97 11.06 35.02
C SER A 31 -0.52 11.54 36.40
N ILE A 32 -1.22 11.15 37.46
CA ILE A 32 -0.81 11.56 38.81
C ILE A 32 0.34 10.70 39.30
N LEU A 33 0.23 9.39 39.14
CA LEU A 33 1.29 8.48 39.60
C LEU A 33 2.64 8.74 38.94
N GLU A 34 2.62 9.24 37.71
CA GLU A 34 3.85 9.54 36.96
C GLU A 34 4.68 10.62 37.63
N SER A 35 4.01 11.62 38.20
CA SER A 35 4.72 12.72 38.84
C SER A 35 5.65 12.24 39.94
N ARG A 36 5.53 10.98 40.35
CA ARG A 36 6.39 10.46 41.41
C ARG A 36 7.10 9.14 41.09
N GLY A 37 7.20 8.81 39.81
CA GLY A 37 7.89 7.59 39.42
C GLY A 37 7.11 6.31 39.52
N TYR A 38 5.84 6.40 39.90
CA TYR A 38 5.01 5.22 40.01
C TYR A 38 4.35 4.94 38.67
N ILE A 39 4.04 3.68 38.42
CA ILE A 39 3.44 3.29 37.16
C ILE A 39 2.15 2.52 37.35
N GLY A 40 1.06 3.06 36.81
CA GLY A 40 -0.21 2.38 36.90
C GLY A 40 -0.22 1.18 35.97
N VAL A 41 -0.81 0.09 36.44
CA VAL A 41 -0.91 -1.14 35.67
C VAL A 41 -2.40 -1.48 35.66
N LEU A 42 -2.96 -1.69 34.47
CA LEU A 42 -4.39 -1.97 34.35
C LEU A 42 -4.77 -3.45 34.29
N PHE A 43 -5.70 -3.83 35.14
CA PHE A 43 -6.20 -5.20 35.21
C PHE A 43 -7.70 -5.13 34.90
N ASP A 44 -8.17 -6.10 34.12
CA ASP A 44 -9.57 -6.16 33.71
C ASP A 44 -10.33 -7.29 34.43
N ALA A 45 -11.25 -6.92 35.32
CA ALA A 45 -12.04 -7.92 36.04
C ALA A 45 -13.01 -8.61 35.08
N ASN A 46 -13.25 -7.97 33.93
CA ASN A 46 -14.12 -8.54 32.90
C ASN A 46 -15.47 -8.99 33.45
N ALA A 47 -16.00 -8.21 34.39
CA ALA A 47 -17.29 -8.47 35.03
C ALA A 47 -17.38 -9.81 35.74
N ASP A 48 -16.24 -10.45 36.01
CA ASP A 48 -16.26 -11.74 36.70
C ASP A 48 -15.59 -11.59 38.07
N ILE A 49 -16.36 -11.84 39.14
CA ILE A 49 -15.83 -11.72 40.49
C ILE A 49 -14.80 -12.81 40.77
N GLU A 50 -14.88 -13.92 40.04
CA GLU A 50 -13.91 -15.00 40.21
C GLU A 50 -12.61 -14.59 39.52
N ARG A 51 -12.76 -13.95 38.36
CA ARG A 51 -11.62 -13.49 37.60
C ARG A 51 -10.85 -12.52 38.49
N GLU A 52 -11.60 -11.63 39.13
CA GLU A 52 -11.01 -10.65 40.01
C GLU A 52 -10.13 -11.29 41.11
N LYS A 53 -10.60 -12.38 41.69
CA LYS A 53 -9.87 -13.06 42.75
C LYS A 53 -8.51 -13.57 42.29
N THR A 54 -8.45 -14.12 41.08
CA THR A 54 -7.17 -14.60 40.61
C THR A 54 -6.27 -13.42 40.27
N LEU A 55 -6.85 -12.29 39.87
CA LEU A 55 -6.02 -11.12 39.57
C LEU A 55 -5.42 -10.62 40.90
N LEU A 56 -6.24 -10.58 41.94
CA LEU A 56 -5.76 -10.14 43.24
C LEU A 56 -4.67 -11.09 43.78
N ARG A 57 -4.84 -12.38 43.58
CA ARG A 57 -3.86 -13.36 44.06
C ARG A 57 -2.54 -13.15 43.32
N ALA A 58 -2.64 -12.70 42.08
CA ALA A 58 -1.45 -12.43 41.27
C ALA A 58 -0.82 -11.13 41.74
N ILE A 59 -1.66 -10.15 42.00
CA ILE A 59 -1.19 -8.84 42.45
C ILE A 59 -0.43 -8.92 43.77
N GLY A 60 -0.84 -9.83 44.64
CA GLY A 60 -0.17 -9.98 45.92
C GLY A 60 1.09 -10.82 45.87
N SER A 61 1.25 -11.65 44.83
CA SER A 61 2.42 -12.51 44.71
C SER A 61 3.42 -12.11 43.62
N ARG A 62 3.42 -10.83 43.28
CA ARG A 62 4.33 -10.29 42.26
C ARG A 62 4.92 -8.98 42.78
N GLY A 63 4.46 -8.57 43.95
CA GLY A 63 4.95 -7.34 44.55
C GLY A 63 4.53 -6.05 43.87
N PHE A 64 3.27 -5.68 44.01
CA PHE A 64 2.82 -4.41 43.47
C PHE A 64 2.81 -3.56 44.72
N ASP A 65 2.99 -2.25 44.60
CA ASP A 65 3.02 -1.42 45.79
C ASP A 65 1.71 -0.79 46.22
N GLY A 66 0.64 -1.05 45.48
CA GLY A 66 -0.64 -0.47 45.82
C GLY A 66 -1.76 -1.00 44.96
N LEU A 67 -2.98 -0.82 45.43
CA LEU A 67 -4.15 -1.29 44.72
C LEU A 67 -5.24 -0.23 44.68
N ILE A 68 -5.69 0.09 43.47
CA ILE A 68 -6.78 1.04 43.31
C ILE A 68 -7.91 0.13 42.81
N LEU A 69 -8.97 0.07 43.59
CA LEU A 69 -10.07 -0.84 43.28
C LEU A 69 -11.34 -0.19 42.74
N GLN A 70 -11.67 -0.49 41.49
CA GLN A 70 -12.88 0.04 40.88
C GLN A 70 -13.66 -1.18 40.41
N SER A 71 -13.75 -2.18 41.30
CA SER A 71 -14.44 -3.42 40.99
C SER A 71 -15.38 -3.95 42.06
N PHE A 72 -15.68 -5.24 41.98
CA PHE A 72 -16.62 -5.93 42.88
C PHE A 72 -16.18 -6.46 44.25
N SER A 73 -14.90 -6.77 44.41
CA SER A 73 -14.41 -7.34 45.68
C SER A 73 -14.73 -6.55 46.94
N ASN A 74 -15.30 -7.24 47.93
CA ASN A 74 -15.60 -6.60 49.21
C ASN A 74 -14.30 -6.69 50.02
N PRO A 75 -14.25 -6.03 51.17
CA PRO A 75 -13.05 -6.06 52.01
C PRO A 75 -12.66 -7.44 52.54
N GLN A 76 -13.64 -8.31 52.82
CA GLN A 76 -13.34 -9.66 53.31
C GLN A 76 -12.48 -10.41 52.29
N THR A 77 -12.78 -10.21 51.01
CA THR A 77 -12.03 -10.85 49.94
C THR A 77 -10.61 -10.26 49.80
N VAL A 78 -10.53 -8.94 49.85
CA VAL A 78 -9.25 -8.26 49.70
C VAL A 78 -8.33 -8.48 50.90
N GLN A 79 -8.93 -8.73 52.07
CA GLN A 79 -8.16 -8.98 53.27
C GLN A 79 -7.62 -10.41 53.22
N GLU A 80 -8.51 -11.36 52.95
CA GLU A 80 -8.15 -12.77 52.89
C GLU A 80 -7.08 -13.09 51.84
N ILE A 81 -7.01 -12.29 50.78
CA ILE A 81 -6.02 -12.52 49.72
C ILE A 81 -4.73 -11.70 49.85
N LEU A 82 -4.85 -10.39 50.06
CA LEU A 82 -3.66 -9.54 50.16
C LEU A 82 -3.13 -9.28 51.58
N HIS A 83 -3.99 -9.49 52.57
CA HIS A 83 -3.62 -9.32 53.98
C HIS A 83 -3.02 -7.96 54.30
N GLN A 84 -3.53 -6.93 53.66
CA GLN A 84 -3.08 -5.57 53.89
C GLN A 84 -1.58 -5.38 53.66
N GLN A 85 -1.03 -6.16 52.74
CA GLN A 85 0.38 -6.01 52.44
C GLN A 85 0.58 -4.65 51.73
N MET A 86 -0.44 -4.18 51.03
CA MET A 86 -0.33 -2.93 50.32
C MET A 86 -1.52 -2.01 50.53
N PRO A 87 -1.28 -0.69 50.47
CA PRO A 87 -2.37 0.27 50.66
C PRO A 87 -3.43 0.08 49.57
N VAL A 88 -4.68 0.40 49.90
CA VAL A 88 -5.79 0.25 48.97
C VAL A 88 -6.65 1.49 48.94
N VAL A 89 -7.18 1.81 47.76
CA VAL A 89 -8.10 2.93 47.60
C VAL A 89 -9.19 2.39 46.68
N SER A 90 -10.44 2.63 47.03
CA SER A 90 -11.56 2.17 46.21
C SER A 90 -12.19 3.35 45.46
N VAL A 91 -12.75 3.08 44.29
CA VAL A 91 -13.36 4.13 43.49
C VAL A 91 -14.70 3.73 42.88
N ASP A 92 -15.62 4.69 42.89
CA ASP A 92 -16.95 4.54 42.30
C ASP A 92 -17.78 3.41 42.88
N ARG A 93 -17.65 3.14 44.17
CA ARG A 93 -18.38 2.04 44.77
C ARG A 93 -19.51 2.32 45.73
N GLU A 94 -19.48 3.46 46.40
CA GLU A 94 -20.53 3.78 47.36
C GLU A 94 -20.69 2.61 48.33
N MET A 95 -19.59 2.26 48.98
CA MET A 95 -19.55 1.18 49.97
C MET A 95 -19.69 1.81 51.35
N ASP A 96 -20.55 1.28 52.21
CA ASP A 96 -20.66 1.87 53.54
C ASP A 96 -19.72 1.13 54.48
N ALA A 97 -19.21 1.83 55.48
CA ALA A 97 -18.30 1.22 56.45
C ALA A 97 -17.03 0.68 55.77
N CYS A 98 -16.57 1.36 54.72
CA CYS A 98 -15.37 0.92 54.00
C CYS A 98 -14.10 1.10 54.84
N PRO A 99 -13.23 0.08 54.87
CA PRO A 99 -11.98 0.13 55.64
C PRO A 99 -10.84 0.97 55.03
N TRP A 100 -10.92 1.29 53.75
CA TRP A 100 -9.88 2.09 53.14
C TRP A 100 -10.47 3.38 52.58
N PRO A 101 -9.64 4.35 52.21
CA PRO A 101 -10.20 5.61 51.66
C PRO A 101 -10.97 5.35 50.36
N GLN A 102 -11.97 6.17 50.08
CA GLN A 102 -12.76 6.02 48.86
C GLN A 102 -12.97 7.30 48.08
N VAL A 103 -13.13 7.15 46.77
CA VAL A 103 -13.40 8.25 45.88
C VAL A 103 -14.72 7.86 45.21
N VAL A 104 -15.75 8.67 45.44
CA VAL A 104 -17.06 8.39 44.88
C VAL A 104 -17.76 9.62 44.30
N THR A 105 -18.87 9.35 43.64
CA THR A 105 -19.73 10.36 43.03
C THR A 105 -20.93 10.56 43.95
N ASP A 106 -21.51 11.76 43.94
CA ASP A 106 -22.70 12.05 44.74
C ASP A 106 -23.87 11.50 43.91
N ASN A 107 -23.95 10.18 43.82
CA ASN A 107 -24.96 9.49 43.02
C ASN A 107 -26.42 9.87 43.26
N PHE A 108 -26.80 9.96 44.54
CA PHE A 108 -28.17 10.33 44.91
C PHE A 108 -28.45 11.78 44.53
N GLU A 109 -27.60 12.69 45.03
CA GLU A 109 -27.76 14.12 44.75
C GLU A 109 -27.71 14.45 43.27
N ALA A 110 -26.78 13.84 42.54
CA ALA A 110 -26.65 14.10 41.11
C ALA A 110 -27.89 13.65 40.34
N ALA A 111 -28.40 12.45 40.65
CA ALA A 111 -29.58 11.94 39.94
C ALA A 111 -30.78 12.82 40.23
N LYS A 112 -30.97 13.08 41.53
CA LYS A 112 -32.07 13.90 42.02
C LYS A 112 -32.11 15.28 41.36
N ALA A 113 -30.94 15.93 41.30
CA ALA A 113 -30.84 17.25 40.70
C ALA A 113 -31.14 17.20 39.20
N ALA A 114 -30.66 16.15 38.53
CA ALA A 114 -30.90 15.99 37.10
C ALA A 114 -32.41 15.81 36.84
N THR A 115 -33.06 15.01 37.66
CA THR A 115 -34.50 14.77 37.51
C THR A 115 -35.24 16.08 37.74
N THR A 116 -34.84 16.81 38.78
CA THR A 116 -35.46 18.08 39.10
C THR A 116 -35.35 19.05 37.94
N ALA A 117 -34.16 19.10 37.33
CA ALA A 117 -33.94 19.99 36.19
C ALA A 117 -34.88 19.62 35.04
N PHE A 118 -35.09 18.31 34.86
CA PHE A 118 -35.98 17.84 33.79
C PHE A 118 -37.45 18.09 34.09
N ARG A 119 -37.84 17.97 35.36
CA ARG A 119 -39.22 18.22 35.77
C ARG A 119 -39.60 19.67 35.49
N GLN A 120 -38.68 20.58 35.78
CA GLN A 120 -38.93 22.01 35.59
C GLN A 120 -39.15 22.34 34.12
N GLN A 121 -38.75 21.44 33.23
CA GLN A 121 -38.95 21.67 31.80
C GLN A 121 -40.22 20.99 31.32
N GLY A 122 -40.94 20.35 32.23
CA GLY A 122 -42.18 19.69 31.85
C GLY A 122 -42.21 18.17 31.84
N TYR A 123 -41.04 17.54 31.78
CA TYR A 123 -40.94 16.08 31.76
C TYR A 123 -41.26 15.52 33.14
N GLN A 124 -42.49 15.03 33.31
CA GLN A 124 -42.95 14.50 34.60
C GLN A 124 -42.82 12.98 34.70
N HIS A 125 -42.77 12.33 33.55
CA HIS A 125 -42.70 10.88 33.49
C HIS A 125 -41.28 10.39 33.21
N VAL A 126 -40.67 9.74 34.19
CA VAL A 126 -39.31 9.24 34.01
C VAL A 126 -39.26 7.74 33.76
N VAL A 127 -38.55 7.35 32.71
CA VAL A 127 -38.39 5.97 32.34
C VAL A 127 -36.94 5.63 32.64
N VAL A 128 -36.73 4.90 33.71
CA VAL A 128 -35.39 4.51 34.13
C VAL A 128 -34.91 3.24 33.43
N LEU A 129 -33.76 3.32 32.77
CA LEU A 129 -33.18 2.17 32.10
C LEU A 129 -31.92 1.84 32.90
N THR A 130 -31.82 0.61 33.40
CA THR A 130 -30.68 0.26 34.24
C THR A 130 -30.30 -1.23 34.29
N SER A 131 -29.10 -1.49 34.83
CA SER A 131 -28.68 -2.88 35.03
C SER A 131 -29.39 -3.18 36.34
N GLU A 132 -29.59 -4.46 36.66
CA GLU A 132 -30.29 -4.83 37.89
C GLU A 132 -29.92 -4.03 39.13
N LEU A 133 -30.93 -3.43 39.75
CA LEU A 133 -30.77 -2.60 40.94
C LEU A 133 -30.16 -3.28 42.18
N GLU A 134 -30.63 -4.47 42.53
CA GLU A 134 -30.08 -5.15 43.71
C GLU A 134 -28.58 -5.38 43.60
N LEU A 135 -28.12 -5.68 42.39
CA LEU A 135 -26.71 -5.94 42.12
C LEU A 135 -25.71 -4.83 42.41
N SER A 136 -26.18 -3.60 42.66
CA SER A 136 -25.25 -2.51 42.92
C SER A 136 -25.84 -1.34 43.73
N ARG A 137 -25.08 -0.88 44.73
CA ARG A 137 -25.52 0.23 45.57
C ARG A 137 -25.48 1.59 44.90
N THR A 138 -24.61 1.74 43.89
CA THR A 138 -24.52 3.02 43.18
C THR A 138 -25.73 3.16 42.28
N ARG A 139 -26.14 2.07 41.64
CA ARG A 139 -27.31 2.11 40.78
C ARG A 139 -28.49 2.46 41.70
N GLN A 140 -28.61 1.70 42.78
CA GLN A 140 -29.68 1.90 43.74
C GLN A 140 -29.77 3.34 44.22
N GLU A 141 -28.63 3.99 44.39
CA GLU A 141 -28.61 5.37 44.85
C GLU A 141 -29.09 6.35 43.77
N ARG A 142 -28.71 6.09 42.52
CA ARG A 142 -29.12 6.96 41.43
C ARG A 142 -30.62 6.80 41.19
N TYR A 143 -31.12 5.60 41.43
CA TYR A 143 -32.54 5.33 41.26
C TYR A 143 -33.27 6.00 42.41
N ARG A 144 -32.64 5.96 43.59
CA ARG A 144 -33.20 6.55 44.80
C ARG A 144 -33.28 8.06 44.63
N GLY A 145 -32.34 8.62 43.88
CA GLY A 145 -32.33 10.04 43.65
C GLY A 145 -33.44 10.47 42.70
N ILE A 146 -33.73 9.63 41.70
CA ILE A 146 -34.79 9.93 40.73
C ILE A 146 -36.17 9.95 41.41
N LEU A 147 -36.51 8.87 42.10
CA LEU A 147 -37.81 8.80 42.80
C LEU A 147 -37.98 9.98 43.74
N ALA A 148 -36.89 10.46 44.32
CA ALA A 148 -36.97 11.58 45.24
C ALA A 148 -37.27 12.90 44.54
N ALA A 149 -37.40 12.85 43.22
CA ALA A 149 -37.68 14.07 42.46
C ALA A 149 -38.78 13.95 41.41
N ALA A 150 -39.28 12.74 41.16
CA ALA A 150 -40.31 12.54 40.14
C ALA A 150 -41.53 11.73 40.58
N GLN A 151 -42.69 12.04 40.01
CA GLN A 151 -43.93 11.35 40.34
C GLN A 151 -44.03 10.04 39.59
N ASP A 152 -44.31 10.15 38.30
CA ASP A 152 -44.46 9.01 37.41
C ASP A 152 -43.08 8.48 37.05
N VAL A 153 -42.70 7.36 37.63
CA VAL A 153 -41.40 6.76 37.36
C VAL A 153 -41.57 5.27 37.11
N ASP A 154 -41.11 4.82 35.95
CA ASP A 154 -41.17 3.41 35.58
C ASP A 154 -39.74 2.93 35.47
N VAL A 155 -39.50 1.65 35.74
CA VAL A 155 -38.13 1.14 35.67
C VAL A 155 -37.97 -0.08 34.77
N LEU A 156 -36.90 -0.08 33.99
CA LEU A 156 -36.61 -1.20 33.08
C LEU A 156 -35.23 -1.76 33.36
N GLU A 157 -35.22 -2.83 34.14
CA GLU A 157 -33.99 -3.52 34.50
C GLU A 157 -33.54 -4.43 33.37
N VAL A 158 -32.25 -4.38 33.08
CA VAL A 158 -31.63 -5.19 32.04
C VAL A 158 -30.63 -6.09 32.75
N SER A 159 -30.55 -7.35 32.32
CA SER A 159 -29.61 -8.29 32.92
C SER A 159 -28.35 -8.32 32.08
N GLU A 160 -27.27 -7.73 32.58
CA GLU A 160 -26.02 -7.68 31.82
C GLU A 160 -25.55 -9.07 31.39
N SER A 161 -25.95 -10.09 32.15
CA SER A 161 -25.57 -11.48 31.86
C SER A 161 -26.32 -12.08 30.68
N SER A 162 -27.64 -11.85 30.64
CA SER A 162 -28.45 -12.41 29.57
C SER A 162 -29.65 -11.54 29.26
N TYR A 163 -29.52 -10.74 28.21
CA TYR A 163 -30.60 -9.86 27.78
C TYR A 163 -30.62 -9.87 26.26
N ASN A 164 -31.77 -9.62 25.67
CA ASN A 164 -31.88 -9.58 24.22
C ASN A 164 -32.01 -8.13 23.82
N HIS A 165 -31.41 -7.74 22.70
CA HIS A 165 -31.48 -6.36 22.26
C HIS A 165 -32.89 -5.87 21.96
N SER A 166 -33.53 -6.44 20.94
CA SER A 166 -34.88 -6.02 20.57
C SER A 166 -35.90 -6.22 21.69
N GLU A 167 -35.60 -7.15 22.60
CA GLU A 167 -36.48 -7.41 23.72
C GLU A 167 -36.50 -6.14 24.59
N VAL A 168 -35.31 -5.69 24.98
CA VAL A 168 -35.17 -4.49 25.81
C VAL A 168 -35.69 -3.27 25.05
N HIS A 169 -35.32 -3.18 23.78
CA HIS A 169 -35.75 -2.09 22.93
C HIS A 169 -37.29 -1.96 22.96
N GLN A 170 -37.98 -3.02 22.57
CA GLN A 170 -39.44 -3.02 22.53
C GLN A 170 -40.08 -2.59 23.84
N ARG A 171 -39.51 -3.00 24.96
CA ARG A 171 -40.07 -2.62 26.25
C ARG A 171 -39.87 -1.12 26.54
N LEU A 172 -38.68 -0.61 26.24
CA LEU A 172 -38.37 0.80 26.47
C LEU A 172 -39.36 1.66 25.70
N THR A 173 -39.59 1.27 24.45
CA THR A 173 -40.52 1.97 23.57
C THR A 173 -41.94 1.87 24.11
N GLN A 174 -42.22 0.79 24.85
CA GLN A 174 -43.55 0.58 25.42
C GLN A 174 -43.75 1.52 26.61
N LEU A 175 -42.75 1.57 27.49
CA LEU A 175 -42.81 2.41 28.68
C LEU A 175 -42.81 3.91 28.36
N ILE A 176 -42.01 4.30 27.37
CA ILE A 176 -41.92 5.70 26.98
C ILE A 176 -43.24 6.21 26.40
N THR A 177 -43.89 5.35 25.64
CA THR A 177 -45.12 5.70 24.94
C THR A 177 -46.47 5.40 25.60
N GLN A 178 -46.49 4.93 26.84
CA GLN A 178 -47.77 4.60 27.46
C GLN A 178 -48.74 5.76 27.69
N ASN A 179 -48.24 6.93 28.09
CA ASN A 179 -49.15 8.05 28.30
C ASN A 179 -48.68 9.35 27.63
N ASP A 180 -49.42 10.42 27.87
CA ASP A 180 -49.09 11.71 27.28
C ASP A 180 -48.14 12.60 28.07
N GLN A 181 -47.82 12.20 29.29
CA GLN A 181 -46.89 12.99 30.10
C GLN A 181 -45.57 13.11 29.34
N LYS A 182 -44.97 14.30 29.35
CA LYS A 182 -43.67 14.48 28.70
C LYS A 182 -42.79 13.49 29.43
N THR A 183 -41.93 12.82 28.68
CA THR A 183 -41.10 11.78 29.25
C THR A 183 -39.60 11.92 29.05
N VAL A 184 -38.83 11.50 30.06
CA VAL A 184 -37.37 11.49 30.01
C VAL A 184 -36.91 10.03 30.15
N ALA A 185 -36.17 9.55 29.18
CA ALA A 185 -35.63 8.20 29.26
C ALA A 185 -34.29 8.46 29.98
N PHE A 186 -34.15 7.91 31.19
CA PHE A 186 -32.95 8.12 32.02
C PHE A 186 -32.12 6.84 32.19
N ALA A 187 -30.97 6.79 31.52
CA ALA A 187 -30.08 5.65 31.61
C ALA A 187 -29.15 5.80 32.81
N LEU A 188 -29.11 4.78 33.66
CA LEU A 188 -28.26 4.81 34.85
C LEU A 188 -26.83 4.39 34.54
N LYS A 189 -26.61 3.84 33.34
CA LYS A 189 -25.28 3.40 32.94
C LYS A 189 -25.03 3.79 31.50
N GLU A 190 -23.80 4.19 31.22
CA GLU A 190 -23.43 4.61 29.88
C GLU A 190 -23.76 3.63 28.73
N ARG A 191 -23.46 2.35 28.91
CA ARG A 191 -23.73 1.37 27.86
C ARG A 191 -25.17 1.34 27.35
N TRP A 192 -26.12 1.44 28.28
CA TRP A 192 -27.53 1.42 27.91
C TRP A 192 -27.89 2.65 27.07
N LEU A 193 -27.32 3.80 27.42
CA LEU A 193 -27.60 5.02 26.67
C LEU A 193 -27.02 4.87 25.27
N LEU A 194 -25.83 4.28 25.18
CA LEU A 194 -25.15 4.10 23.91
C LEU A 194 -25.79 3.05 23.02
N GLU A 195 -26.36 2.01 23.63
CA GLU A 195 -26.96 0.94 22.86
C GLU A 195 -28.39 1.18 22.40
N PHE A 196 -29.22 1.77 23.26
CA PHE A 196 -30.63 1.96 22.92
C PHE A 196 -31.17 3.34 22.55
N PHE A 197 -30.43 4.41 22.83
CA PHE A 197 -30.93 5.76 22.52
C PHE A 197 -30.75 6.26 21.08
N PRO A 198 -29.62 5.90 20.42
CA PRO A 198 -29.42 6.38 19.05
C PRO A 198 -30.56 6.11 18.05
N ASN A 199 -31.11 4.91 18.05
CA ASN A 199 -32.21 4.61 17.13
C ASN A 199 -33.49 5.33 17.50
N LEU A 200 -33.65 5.65 18.78
CA LEU A 200 -34.84 6.38 19.22
C LEU A 200 -34.70 7.86 18.82
N ILE A 201 -33.48 8.29 18.52
CA ILE A 201 -33.25 9.66 18.10
C ILE A 201 -33.40 9.71 16.58
N ILE A 202 -33.01 8.61 15.94
CA ILE A 202 -33.09 8.52 14.49
C ILE A 202 -34.49 8.15 14.03
N SER A 203 -35.24 7.39 14.84
CA SER A 203 -36.60 7.01 14.48
C SER A 203 -37.59 8.14 14.77
N GLY A 204 -37.15 9.13 15.54
CA GLY A 204 -38.02 10.25 15.85
C GLY A 204 -38.71 10.23 17.20
N LEU A 205 -38.59 9.11 17.93
CA LEU A 205 -39.23 9.02 19.23
C LEU A 205 -38.74 10.11 20.18
N ILE A 206 -37.43 10.26 20.29
CA ILE A 206 -36.85 11.29 21.16
C ILE A 206 -36.84 12.59 20.35
N ASP A 207 -37.73 13.52 20.69
CA ASP A 207 -37.81 14.79 19.96
C ASP A 207 -37.61 16.06 20.79
N ASN A 208 -37.31 15.92 22.08
CA ASN A 208 -37.07 17.08 22.93
C ASN A 208 -38.26 18.02 23.05
N GLN A 209 -39.47 17.48 22.96
CA GLN A 209 -40.69 18.27 23.08
C GLN A 209 -41.69 17.48 23.92
N THR A 210 -41.73 16.18 23.67
CA THR A 210 -42.63 15.30 24.42
C THR A 210 -41.82 14.18 25.06
N VAL A 211 -40.68 13.87 24.44
CA VAL A 211 -39.77 12.84 24.94
C VAL A 211 -38.32 13.26 24.78
N THR A 212 -37.57 13.27 25.88
CA THR A 212 -36.16 13.63 25.82
C THR A 212 -35.36 12.48 26.48
N ALA A 213 -34.06 12.64 26.63
CA ALA A 213 -33.28 11.57 27.25
C ALA A 213 -32.00 12.08 27.86
N THR A 214 -31.56 11.40 28.92
CA THR A 214 -30.36 11.77 29.62
C THR A 214 -29.80 10.51 30.26
N GLY A 215 -28.77 10.69 31.07
CA GLY A 215 -28.16 9.57 31.76
C GLY A 215 -26.74 9.88 32.18
N PHE A 216 -26.11 8.90 32.84
CA PHE A 216 -24.73 9.02 33.27
C PHE A 216 -23.90 8.51 32.10
N ALA A 217 -23.15 9.41 31.48
CA ALA A 217 -22.32 9.08 30.33
C ALA A 217 -21.21 10.11 30.19
N ASP A 218 -20.00 9.65 29.87
CA ASP A 218 -18.87 10.56 29.73
C ASP A 218 -18.31 10.65 28.32
N THR A 219 -18.65 9.68 27.47
CA THR A 219 -18.18 9.66 26.10
C THR A 219 -18.65 10.89 25.32
N ASP A 220 -17.76 11.46 24.51
CA ASP A 220 -18.08 12.66 23.74
C ASP A 220 -18.98 12.42 22.54
N PHE A 221 -18.66 11.44 21.73
CA PHE A 221 -19.49 11.28 20.53
C PHE A 221 -21.00 11.22 20.70
N ILE A 222 -21.52 10.85 21.86
CA ILE A 222 -22.99 10.86 21.98
C ILE A 222 -23.37 12.29 22.20
N ARG A 223 -22.45 13.04 22.80
CA ARG A 223 -22.74 14.44 23.11
C ARG A 223 -23.34 15.06 21.87
N ARG A 224 -22.60 14.87 20.79
CA ARG A 224 -22.96 15.28 19.46
C ARG A 224 -23.99 14.40 18.85
N MET A 225 -25.24 14.45 19.31
CA MET A 225 -26.27 13.77 18.53
C MET A 225 -27.39 14.70 18.09
N LYS A 228 -28.65 17.64 20.21
CA LYS A 228 -28.07 17.93 21.59
C LYS A 228 -28.76 17.55 22.95
N LEU A 229 -28.33 16.43 23.36
CA LEU A 229 -28.80 15.89 24.66
C LEU A 229 -28.08 16.39 25.86
N THR A 230 -28.80 16.38 26.96
CA THR A 230 -28.21 16.89 28.18
C THR A 230 -27.81 15.70 29.04
N LEU A 231 -26.51 15.57 29.31
CA LEU A 231 -26.05 14.43 30.11
C LEU A 231 -25.28 14.69 31.41
N ILE A 232 -25.20 13.65 32.23
CA ILE A 232 -24.47 13.77 33.50
C ILE A 232 -23.11 13.10 33.41
N THR A 233 -22.04 13.86 33.66
CA THR A 233 -20.71 13.29 33.58
C THR A 233 -20.15 13.10 34.96
N GLN A 234 -19.49 11.96 35.18
CA GLN A 234 -18.88 11.66 36.47
C GLN A 234 -17.45 12.18 36.63
N ASN A 235 -16.83 12.65 35.53
CA ASN A 235 -15.45 13.14 35.58
C ASN A 235 -14.51 11.98 35.95
N PRO A 236 -14.58 10.85 35.24
CA PRO A 236 -13.73 9.71 35.55
C PRO A 236 -12.22 9.97 35.61
N PHE A 237 -11.72 10.84 34.74
CA PHE A 237 -10.30 11.16 34.76
C PHE A 237 -9.99 11.78 36.12
N LEU A 238 -10.86 12.69 36.55
CA LEU A 238 -10.68 13.38 37.82
C LEU A 238 -10.81 12.43 39.00
N MET A 239 -11.76 11.50 38.91
CA MET A 239 -11.93 10.53 39.99
C MET A 239 -10.68 9.65 40.05
N GLY A 240 -10.15 9.30 38.88
CA GLY A 240 -8.95 8.48 38.81
C GLY A 240 -7.72 9.21 39.34
N ALA A 241 -7.61 10.49 39.00
CA ALA A 241 -6.47 11.29 39.48
C ALA A 241 -6.57 11.55 41.00
N SER A 242 -7.79 11.70 41.50
CA SER A 242 -7.98 11.94 42.91
C SER A 242 -7.63 10.68 43.70
N SER A 243 -7.99 9.54 43.14
CA SER A 243 -7.70 8.28 43.82
C SER A 243 -6.21 8.03 43.82
N ALA A 244 -5.52 8.52 42.78
CA ALA A 244 -4.07 8.37 42.69
C ALA A 244 -3.38 9.31 43.69
N GLU A 245 -3.98 10.48 43.92
CA GLU A 245 -3.43 11.44 44.87
C GLU A 245 -3.47 10.83 46.27
N ILE A 246 -4.56 10.13 46.58
CA ILE A 246 -4.72 9.50 47.87
C ILE A 246 -3.67 8.38 48.01
N MET A 247 -3.51 7.59 46.95
CA MET A 247 -2.56 6.49 46.97
C MET A 247 -1.16 7.00 47.27
N LEU A 248 -0.74 8.05 46.58
CA LEU A 248 0.58 8.60 46.81
C LEU A 248 0.75 9.05 48.26
N ARG A 249 -0.35 9.47 48.90
CA ARG A 249 -0.30 9.89 50.29
C ARG A 249 -0.07 8.67 51.17
N GLN A 250 -0.68 7.55 50.80
CA GLN A 250 -0.50 6.32 51.58
C GLN A 250 0.92 5.79 51.38
N LEU A 251 1.42 5.89 50.14
CA LEU A 251 2.77 5.42 49.78
C LEU A 251 3.84 6.25 50.46
N ALA A 252 3.49 7.49 50.77
CA ALA A 252 4.38 8.41 51.43
C ALA A 252 4.32 8.20 52.95
N GLY A 253 3.59 7.16 53.37
CA GLY A 253 3.47 6.83 54.78
C GLY A 253 2.47 7.61 55.61
N GLU A 254 1.48 8.24 54.97
CA GLU A 254 0.48 8.98 55.72
C GLU A 254 -0.66 8.03 56.10
N LYS A 255 -1.07 8.04 57.37
CA LYS A 255 -2.16 7.17 57.78
C LYS A 255 -3.43 7.90 57.34
N VAL A 256 -3.82 7.68 56.10
CA VAL A 256 -5.00 8.32 55.53
C VAL A 256 -6.30 7.70 56.06
N ALA A 257 -7.08 8.51 56.77
CA ALA A 257 -8.35 8.06 57.33
C ALA A 257 -9.24 7.45 56.25
N PRO A 258 -9.95 6.37 56.57
CA PRO A 258 -10.83 5.73 55.57
C PRO A 258 -12.16 6.45 55.34
N GLU A 259 -12.09 7.66 54.80
CA GLU A 259 -13.31 8.42 54.52
C GLU A 259 -13.52 8.55 53.01
N LYS A 260 -14.69 9.02 52.61
CA LYS A 260 -15.03 9.17 51.20
C LYS A 260 -14.80 10.58 50.68
N MET A 261 -14.19 10.68 49.50
CA MET A 261 -13.93 11.96 48.87
C MET A 261 -14.98 12.00 47.78
N VAL A 262 -15.84 13.01 47.84
CA VAL A 262 -16.90 13.14 46.87
C VAL A 262 -16.55 14.06 45.72
N ILE A 263 -16.60 13.50 44.50
CA ILE A 263 -16.35 14.23 43.28
C ILE A 263 -17.74 14.42 42.68
N PRO A 264 -18.34 15.60 42.86
CA PRO A 264 -19.68 15.84 42.30
C PRO A 264 -19.78 15.68 40.79
N ALA A 265 -20.82 14.99 40.36
CA ALA A 265 -21.04 14.79 38.93
C ALA A 265 -21.56 16.12 38.41
N LYS A 266 -21.45 16.32 37.10
CA LYS A 266 -21.93 17.54 36.49
C LYS A 266 -22.96 17.26 35.40
N LEU A 267 -24.09 17.95 35.49
CA LEU A 267 -25.17 17.86 34.52
C LEU A 267 -24.73 18.86 33.46
N GLN A 268 -24.30 18.38 32.30
CA GLN A 268 -23.84 19.29 31.26
C GLN A 268 -24.62 19.32 29.95
N GLU A 269 -25.18 20.49 29.65
CA GLU A 269 -25.93 20.72 28.43
C GLU A 269 -24.90 20.68 27.29
N LYS B 8 4.22 -14.82 36.12
CA LYS B 8 3.73 -15.12 34.74
C LYS B 8 2.85 -14.01 34.17
N LEU B 9 3.43 -12.81 34.05
CA LEU B 9 2.70 -11.67 33.53
C LEU B 9 3.19 -11.25 32.15
N ILE B 10 2.23 -10.93 31.29
CA ILE B 10 2.55 -10.47 29.94
C ILE B 10 2.10 -9.02 29.87
N ALA B 11 3.03 -8.13 29.59
CA ALA B 11 2.69 -6.72 29.47
C ALA B 11 2.14 -6.52 28.06
N VAL B 12 1.06 -5.74 27.96
CA VAL B 12 0.45 -5.43 26.68
C VAL B 12 0.41 -3.91 26.57
N ILE B 13 1.13 -3.35 25.60
CA ILE B 13 1.10 -1.91 25.44
C ILE B 13 0.29 -1.55 24.21
N VAL B 14 -0.74 -0.72 24.40
CA VAL B 14 -1.58 -0.32 23.28
C VAL B 14 -1.41 1.18 23.05
N ALA B 15 -1.64 1.60 21.81
CA ALA B 15 -1.51 3.00 21.41
C ALA B 15 -2.36 3.91 22.28
N ASN B 16 -3.61 3.54 22.52
CA ASN B 16 -4.51 4.36 23.33
C ASN B 16 -5.66 3.52 23.86
N ILE B 17 -5.61 3.26 25.17
CA ILE B 17 -6.64 2.45 25.81
C ILE B 17 -8.03 2.99 25.63
N ASP B 18 -8.16 4.16 25.04
CA ASP B 18 -9.48 4.71 24.82
C ASP B 18 -10.14 4.19 23.53
N ASP B 19 -9.40 3.45 22.72
CA ASP B 19 -9.95 2.88 21.48
C ASP B 19 -10.54 1.50 21.81
N TYR B 20 -11.71 1.21 21.25
CA TYR B 20 -12.37 -0.09 21.44
C TYR B 20 -11.48 -1.20 20.86
N PHE B 21 -10.78 -0.89 19.76
CA PHE B 21 -9.89 -1.87 19.13
C PHE B 21 -8.90 -2.39 20.16
N SER B 22 -8.35 -1.48 20.96
CA SER B 22 -7.36 -1.82 21.97
C SER B 22 -7.88 -2.61 23.18
N THR B 23 -9.03 -2.22 23.69
CA THR B 23 -9.59 -2.91 24.85
C THR B 23 -10.07 -4.29 24.44
N GLU B 24 -10.58 -4.42 23.20
CA GLU B 24 -11.04 -5.71 22.69
C GLU B 24 -9.86 -6.61 22.38
N LEU B 25 -8.79 -6.03 21.86
CA LEU B 25 -7.59 -6.80 21.56
C LEU B 25 -7.08 -7.37 22.89
N PHE B 26 -7.03 -6.52 23.91
CA PHE B 26 -6.56 -6.99 25.21
C PHE B 26 -7.41 -8.14 25.76
N LYS B 27 -8.72 -8.07 25.56
CA LYS B 27 -9.59 -9.14 26.05
C LYS B 27 -9.29 -10.44 25.32
N GLY B 28 -8.78 -10.34 24.09
CA GLY B 28 -8.41 -11.51 23.33
C GLY B 28 -7.12 -12.14 23.88
N ILE B 29 -6.13 -11.30 24.15
CA ILE B 29 -4.86 -11.79 24.72
C ILE B 29 -5.17 -12.52 26.03
N SER B 30 -5.92 -11.86 26.91
CA SER B 30 -6.31 -12.39 28.21
C SER B 30 -6.97 -13.74 28.14
N SER B 31 -7.98 -13.84 27.29
CA SER B 31 -8.74 -15.08 27.11
C SER B 31 -7.80 -16.24 26.83
N ILE B 32 -6.86 -16.03 25.92
CA ILE B 32 -5.89 -17.05 25.54
C ILE B 32 -4.83 -17.28 26.64
N LEU B 33 -4.35 -16.21 27.23
CA LEU B 33 -3.35 -16.33 28.27
C LEU B 33 -3.85 -17.06 29.51
N GLU B 34 -5.15 -16.99 29.76
CA GLU B 34 -5.76 -17.62 30.92
C GLU B 34 -5.82 -19.15 30.82
N SER B 35 -5.74 -19.66 29.61
CA SER B 35 -5.78 -21.10 29.40
C SER B 35 -4.46 -21.74 29.83
N ARG B 36 -3.54 -20.92 30.30
CA ARG B 36 -2.23 -21.41 30.74
C ARG B 36 -1.80 -20.84 32.08
N GLY B 37 -2.74 -20.27 32.81
CA GLY B 37 -2.42 -19.68 34.10
C GLY B 37 -1.69 -18.36 33.99
N TYR B 38 -1.44 -17.92 32.76
CA TYR B 38 -0.74 -16.64 32.51
C TYR B 38 -1.73 -15.47 32.63
N ILE B 39 -1.21 -14.29 32.99
CA ILE B 39 -2.07 -13.11 33.15
C ILE B 39 -1.66 -11.90 32.33
N GLY B 40 -2.63 -11.33 31.62
CA GLY B 40 -2.34 -10.16 30.82
C GLY B 40 -2.45 -8.89 31.63
N VAL B 41 -1.54 -7.96 31.36
CA VAL B 41 -1.51 -6.67 32.04
C VAL B 41 -1.51 -5.56 30.98
N LEU B 42 -2.36 -4.56 31.18
CA LEU B 42 -2.48 -3.51 30.18
C LEU B 42 -1.81 -2.17 30.50
N PHE B 43 -1.15 -1.58 29.51
CA PHE B 43 -0.47 -0.30 29.66
C PHE B 43 -0.91 0.64 28.56
N ASP B 44 -1.07 1.91 28.91
CA ASP B 44 -1.54 2.93 27.97
C ASP B 44 -0.39 3.81 27.50
N ALA B 45 0.01 3.65 26.24
CA ALA B 45 1.09 4.47 25.70
C ALA B 45 0.59 5.91 25.58
N ASN B 46 -0.73 6.08 25.70
CA ASN B 46 -1.37 7.38 25.63
C ASN B 46 -0.92 8.21 24.43
N ALA B 47 -0.73 7.54 23.30
CA ALA B 47 -0.30 8.17 22.05
C ALA B 47 0.96 9.02 22.23
N ASP B 48 1.78 8.64 23.19
CA ASP B 48 3.00 9.37 23.51
C ASP B 48 4.23 8.48 23.35
N ILE B 49 5.06 8.81 22.36
CA ILE B 49 6.28 8.06 22.07
C ILE B 49 7.16 7.95 23.32
N GLU B 50 7.14 9.00 24.13
CA GLU B 50 7.94 9.05 25.35
C GLU B 50 7.35 8.23 26.50
N ARG B 51 6.03 8.23 26.63
CA ARG B 51 5.39 7.45 27.69
C ARG B 51 5.74 5.99 27.41
N GLU B 52 5.59 5.59 26.15
CA GLU B 52 5.88 4.23 25.72
C GLU B 52 7.32 3.84 26.09
N LYS B 53 8.27 4.75 25.89
CA LYS B 53 9.67 4.49 26.22
C LYS B 53 9.86 4.22 27.71
N THR B 54 9.32 5.11 28.55
CA THR B 54 9.46 4.91 29.98
C THR B 54 8.70 3.66 30.43
N LEU B 55 7.60 3.34 29.76
CA LEU B 55 6.85 2.13 30.07
C LEU B 55 7.69 0.92 29.68
N LEU B 56 8.29 1.00 28.50
CA LEU B 56 9.13 -0.09 28.00
C LEU B 56 10.28 -0.39 28.95
N ARG B 57 10.83 0.65 29.57
CA ARG B 57 11.92 0.43 30.52
C ARG B 57 11.40 -0.30 31.76
N ALA B 58 10.26 0.15 32.27
CA ALA B 58 9.63 -0.46 33.44
C ALA B 58 9.30 -1.91 33.17
N ILE B 59 8.71 -2.19 32.01
CA ILE B 59 8.34 -3.55 31.64
C ILE B 59 9.61 -4.42 31.65
N GLY B 60 10.69 -3.87 31.12
CA GLY B 60 11.94 -4.62 31.06
C GLY B 60 12.63 -4.88 32.37
N SER B 61 12.77 -3.86 33.20
CA SER B 61 13.44 -4.00 34.47
C SER B 61 12.63 -4.70 35.56
N ARG B 62 11.30 -4.71 35.44
CA ARG B 62 10.46 -5.34 36.46
C ARG B 62 10.32 -6.85 36.29
N GLY B 63 10.86 -7.39 35.20
CA GLY B 63 10.81 -8.82 34.98
C GLY B 63 9.55 -9.42 34.38
N PHE B 64 8.79 -8.62 33.64
CA PHE B 64 7.60 -9.14 33.00
C PHE B 64 8.08 -10.24 32.06
N ASP B 65 7.26 -11.24 31.85
CA ASP B 65 7.65 -12.37 31.02
C ASP B 65 7.47 -12.21 29.51
N GLY B 66 6.53 -11.37 29.11
CA GLY B 66 6.30 -11.18 27.69
C GLY B 66 5.80 -9.80 27.35
N LEU B 67 5.89 -9.44 26.08
CA LEU B 67 5.44 -8.15 25.61
C LEU B 67 4.69 -8.23 24.26
N ILE B 68 3.41 -7.90 24.30
CA ILE B 68 2.57 -7.87 23.12
C ILE B 68 2.43 -6.38 22.88
N LEU B 69 2.85 -5.93 21.70
CA LEU B 69 2.87 -4.51 21.40
C LEU B 69 2.10 -3.97 20.20
N GLN B 70 1.10 -3.14 20.45
CA GLN B 70 0.39 -2.52 19.33
C GLN B 70 0.67 -1.03 19.50
N SER B 71 1.80 -0.59 18.94
CA SER B 71 2.19 0.81 19.05
C SER B 71 2.97 1.42 17.89
N PHE B 72 3.52 2.61 18.14
CA PHE B 72 4.23 3.40 17.14
C PHE B 72 5.77 3.40 17.09
N SER B 73 6.44 2.75 18.04
CA SER B 73 7.90 2.75 18.07
C SER B 73 8.61 1.73 17.18
N ASN B 74 9.66 2.17 16.48
CA ASN B 74 10.45 1.30 15.62
C ASN B 74 10.93 0.11 16.42
N PRO B 75 11.12 -1.04 15.76
CA PRO B 75 11.60 -2.21 16.50
C PRO B 75 12.95 -1.93 17.17
N GLN B 76 13.71 -1.02 16.60
CA GLN B 76 15.02 -0.67 17.16
C GLN B 76 14.82 -0.01 18.53
N THR B 77 13.90 0.94 18.59
CA THR B 77 13.60 1.66 19.84
C THR B 77 13.25 0.66 20.93
N VAL B 78 12.62 -0.45 20.53
CA VAL B 78 12.21 -1.49 21.47
C VAL B 78 13.37 -2.43 21.84
N GLN B 79 14.31 -2.61 20.91
CA GLN B 79 15.46 -3.48 21.17
C GLN B 79 16.47 -2.74 22.06
N GLU B 80 16.65 -1.45 21.82
CA GLU B 80 17.60 -0.67 22.60
C GLU B 80 17.23 -0.54 24.07
N ILE B 81 15.99 -0.89 24.41
CA ILE B 81 15.54 -0.82 25.79
C ILE B 81 15.38 -2.19 26.44
N LEU B 82 14.79 -3.14 25.72
CA LEU B 82 14.57 -4.48 26.27
C LEU B 82 15.68 -5.47 25.92
N HIS B 83 16.41 -5.19 24.84
CA HIS B 83 17.54 -6.03 24.38
C HIS B 83 17.37 -7.56 24.42
N GLN B 84 16.29 -8.06 23.80
CA GLN B 84 16.02 -9.50 23.73
C GLN B 84 15.84 -10.25 25.06
N GLN B 85 15.52 -9.54 26.12
CA GLN B 85 15.33 -10.22 27.39
C GLN B 85 13.97 -10.93 27.49
N MET B 86 13.07 -10.69 26.54
CA MET B 86 11.75 -11.32 26.57
C MET B 86 11.10 -11.47 25.20
N PRO B 87 10.12 -12.40 25.08
CA PRO B 87 9.41 -12.63 23.82
C PRO B 87 8.57 -11.41 23.47
N VAL B 88 8.51 -11.07 22.18
CA VAL B 88 7.74 -9.93 21.73
C VAL B 88 6.90 -10.26 20.50
N VAL B 89 5.70 -9.70 20.46
CA VAL B 89 4.79 -9.86 19.32
C VAL B 89 4.16 -8.47 19.10
N SER B 90 4.17 -7.97 17.87
CA SER B 90 3.60 -6.67 17.64
C SER B 90 2.27 -6.91 16.93
N VAL B 91 1.32 -5.98 17.10
CA VAL B 91 0.01 -6.13 16.49
C VAL B 91 -0.47 -4.85 15.81
N ASP B 92 -1.09 -5.02 14.65
CA ASP B 92 -1.66 -3.94 13.87
C ASP B 92 -0.70 -2.85 13.34
N ARG B 93 0.60 -3.12 13.24
CA ARG B 93 1.49 -2.07 12.76
C ARG B 93 2.23 -2.28 11.44
N GLU B 94 2.46 -3.52 11.05
CA GLU B 94 3.15 -3.78 9.78
C GLU B 94 4.43 -2.95 9.66
N MET B 95 5.42 -3.19 10.52
CA MET B 95 6.68 -2.43 10.47
C MET B 95 7.76 -3.16 9.64
N ASP B 96 8.90 -2.50 9.42
CA ASP B 96 9.97 -3.08 8.62
C ASP B 96 11.11 -3.67 9.44
N ALA B 97 11.75 -4.70 8.89
CA ALA B 97 12.86 -5.38 9.56
C ALA B 97 12.44 -5.72 10.99
N CYS B 98 11.31 -6.41 11.11
CA CYS B 98 10.79 -6.78 12.42
C CYS B 98 11.37 -8.12 12.85
N PRO B 99 12.17 -8.12 13.94
CA PRO B 99 12.80 -9.32 14.48
C PRO B 99 11.90 -10.23 15.33
N TRP B 100 10.60 -9.96 15.33
CA TRP B 100 9.65 -10.76 16.10
C TRP B 100 8.37 -10.94 15.32
N PRO B 101 7.50 -11.88 15.72
CA PRO B 101 6.24 -12.12 15.01
C PRO B 101 5.29 -10.92 14.97
N GLN B 102 4.44 -10.89 13.94
CA GLN B 102 3.47 -9.80 13.77
C GLN B 102 2.09 -10.30 13.38
N VAL B 103 1.06 -9.69 13.94
CA VAL B 103 -0.31 -10.04 13.60
C VAL B 103 -0.92 -8.75 13.04
N VAL B 104 -1.39 -8.81 11.80
CA VAL B 104 -1.97 -7.64 11.14
C VAL B 104 -3.20 -7.98 10.30
N THR B 105 -3.92 -6.94 9.88
CA THR B 105 -5.09 -7.09 9.04
C THR B 105 -4.64 -6.97 7.58
N ASP B 106 -5.48 -7.42 6.66
CA ASP B 106 -5.15 -7.30 5.24
C ASP B 106 -5.70 -5.93 4.81
N ASN B 107 -5.16 -4.89 5.44
CA ASN B 107 -5.57 -3.51 5.19
C ASN B 107 -5.81 -3.10 3.73
N PHE B 108 -4.80 -3.23 2.89
CA PHE B 108 -4.94 -2.86 1.49
C PHE B 108 -6.07 -3.61 0.81
N GLU B 109 -6.07 -4.93 0.96
CA GLU B 109 -7.10 -5.78 0.34
C GLU B 109 -8.51 -5.47 0.83
N ALA B 110 -8.69 -5.45 2.14
CA ALA B 110 -10.01 -5.19 2.70
C ALA B 110 -10.58 -3.84 2.24
N ALA B 111 -9.73 -2.82 2.19
CA ALA B 111 -10.16 -1.49 1.76
C ALA B 111 -10.55 -1.52 0.30
N LYS B 112 -9.73 -2.21 -0.49
CA LYS B 112 -9.94 -2.37 -1.92
C LYS B 112 -11.31 -2.98 -2.20
N ALA B 113 -11.53 -4.17 -1.63
CA ALA B 113 -12.77 -4.89 -1.83
C ALA B 113 -13.97 -4.06 -1.41
N ALA B 114 -13.81 -3.29 -0.33
CA ALA B 114 -14.89 -2.45 0.14
C ALA B 114 -15.21 -1.41 -0.93
N THR B 115 -14.19 -0.72 -1.39
CA THR B 115 -14.35 0.33 -2.40
C THR B 115 -14.91 -0.24 -3.70
N THR B 116 -14.47 -1.45 -4.05
CA THR B 116 -14.96 -2.11 -5.24
C THR B 116 -16.46 -2.41 -5.10
N ALA B 117 -16.89 -2.80 -3.91
CA ALA B 117 -18.30 -3.14 -3.69
C ALA B 117 -19.18 -1.89 -3.84
N PHE B 118 -18.77 -0.81 -3.21
CA PHE B 118 -19.52 0.44 -3.28
C PHE B 118 -19.53 0.98 -4.70
N ARG B 119 -18.42 0.82 -5.41
CA ARG B 119 -18.36 1.31 -6.79
C ARG B 119 -19.41 0.59 -7.62
N GLN B 120 -19.46 -0.73 -7.47
CA GLN B 120 -20.42 -1.55 -8.21
C GLN B 120 -21.88 -1.21 -7.91
N GLN B 121 -22.09 -0.21 -7.06
CA GLN B 121 -23.45 0.24 -6.73
C GLN B 121 -23.65 1.72 -7.06
N GLY B 122 -22.82 2.25 -7.93
CA GLY B 122 -22.98 3.64 -8.33
C GLY B 122 -22.30 4.70 -7.49
N TYR B 123 -21.87 4.35 -6.28
CA TYR B 123 -21.19 5.31 -5.41
C TYR B 123 -19.75 5.45 -5.89
N GLN B 124 -19.56 6.17 -6.98
CA GLN B 124 -18.24 6.37 -7.55
C GLN B 124 -17.39 7.41 -6.85
N HIS B 125 -18.01 8.26 -6.02
CA HIS B 125 -17.25 9.28 -5.30
C HIS B 125 -16.98 8.79 -3.88
N VAL B 126 -15.73 8.91 -3.44
CA VAL B 126 -15.35 8.49 -2.11
C VAL B 126 -14.66 9.61 -1.36
N VAL B 127 -15.07 9.84 -0.11
CA VAL B 127 -14.43 10.85 0.69
C VAL B 127 -13.78 10.08 1.83
N VAL B 128 -12.45 10.13 1.88
CA VAL B 128 -11.71 9.40 2.90
C VAL B 128 -11.47 10.27 4.12
N LEU B 129 -12.02 9.83 5.25
CA LEU B 129 -11.85 10.56 6.51
C LEU B 129 -10.86 9.72 7.31
N THR B 130 -9.68 10.27 7.54
CA THR B 130 -8.62 9.53 8.21
C THR B 130 -7.77 10.41 9.11
N SER B 131 -6.97 9.78 9.95
CA SER B 131 -6.04 10.51 10.81
C SER B 131 -4.83 10.71 9.90
N GLU B 132 -3.90 11.54 10.33
CA GLU B 132 -2.69 11.82 9.55
C GLU B 132 -2.12 10.51 8.96
N LEU B 133 -2.04 10.45 7.63
CA LEU B 133 -1.56 9.23 6.96
C LEU B 133 -0.12 8.80 7.19
N GLU B 134 0.81 9.73 7.11
CA GLU B 134 2.22 9.39 7.27
C GLU B 134 2.66 8.94 8.66
N LEU B 135 1.78 9.05 9.65
CA LEU B 135 2.12 8.64 11.01
C LEU B 135 1.92 7.15 11.25
N SER B 136 1.19 6.49 10.35
CA SER B 136 0.93 5.06 10.47
C SER B 136 0.92 4.37 9.12
N ARG B 137 1.47 3.16 9.06
CA ARG B 137 1.52 2.44 7.79
C ARG B 137 0.21 1.74 7.47
N THR B 138 -0.54 1.36 8.49
CA THR B 138 -1.79 0.69 8.22
C THR B 138 -2.77 1.68 7.60
N ARG B 139 -2.65 2.95 7.96
CA ARG B 139 -3.52 3.99 7.40
C ARG B 139 -3.23 4.16 5.91
N GLN B 140 -1.94 4.20 5.57
CA GLN B 140 -1.50 4.36 4.18
C GLN B 140 -1.98 3.19 3.32
N GLU B 141 -1.93 1.99 3.88
CA GLU B 141 -2.36 0.80 3.17
C GLU B 141 -3.84 0.86 2.85
N ARG B 142 -4.63 1.30 3.82
CA ARG B 142 -6.06 1.41 3.62
C ARG B 142 -6.37 2.44 2.56
N TYR B 143 -5.64 3.55 2.60
CA TYR B 143 -5.82 4.61 1.61
C TYR B 143 -5.33 4.11 0.26
N ARG B 144 -4.30 3.29 0.25
CA ARG B 144 -3.76 2.73 -1.00
C ARG B 144 -4.80 1.83 -1.61
N GLY B 145 -5.52 1.12 -0.74
CA GLY B 145 -6.55 0.20 -1.19
C GLY B 145 -7.74 0.92 -1.78
N ILE B 146 -8.06 2.09 -1.23
CA ILE B 146 -9.19 2.87 -1.72
C ILE B 146 -8.81 3.49 -3.06
N LEU B 147 -7.55 3.89 -3.18
CA LEU B 147 -7.10 4.52 -4.42
C LEU B 147 -7.08 3.59 -5.64
N ALA B 148 -6.78 2.32 -5.39
CA ALA B 148 -6.72 1.33 -6.46
C ALA B 148 -8.07 0.91 -7.04
N ALA B 149 -9.17 1.22 -6.35
CA ALA B 149 -10.47 0.81 -6.84
C ALA B 149 -11.51 1.90 -6.97
N ALA B 150 -11.16 3.11 -6.57
CA ALA B 150 -12.11 4.22 -6.64
C ALA B 150 -12.01 5.03 -7.94
N GLN B 151 -13.14 5.56 -8.40
CA GLN B 151 -13.13 6.38 -9.61
C GLN B 151 -12.61 7.76 -9.21
N ASP B 152 -13.30 8.41 -8.29
CA ASP B 152 -12.89 9.73 -7.81
C ASP B 152 -12.76 9.73 -6.28
N VAL B 153 -11.64 10.26 -5.78
CA VAL B 153 -11.39 10.29 -4.35
C VAL B 153 -10.99 11.65 -3.81
N ASP B 154 -11.59 12.04 -2.69
CA ASP B 154 -11.25 13.28 -2.00
C ASP B 154 -10.83 12.86 -0.59
N VAL B 155 -9.73 13.42 -0.07
CA VAL B 155 -9.31 13.03 1.26
C VAL B 155 -9.33 14.18 2.26
N LEU B 156 -9.68 13.85 3.51
CA LEU B 156 -9.74 14.82 4.59
C LEU B 156 -8.93 14.25 5.75
N GLU B 157 -7.71 14.76 5.91
CA GLU B 157 -6.82 14.32 6.98
C GLU B 157 -7.07 15.12 8.24
N VAL B 158 -7.11 14.45 9.39
CA VAL B 158 -7.32 15.09 10.69
C VAL B 158 -6.19 14.72 11.63
N SER B 159 -5.60 15.71 12.30
CA SER B 159 -4.53 15.45 13.26
C SER B 159 -5.23 15.20 14.60
N GLU B 160 -5.18 13.96 15.09
CA GLU B 160 -5.83 13.61 16.35
C GLU B 160 -5.32 14.43 17.52
N SER B 161 -4.21 15.14 17.33
CA SER B 161 -3.63 15.93 18.39
C SER B 161 -3.99 17.42 18.33
N SER B 162 -4.70 17.83 17.29
CA SER B 162 -5.07 19.24 17.14
C SER B 162 -6.15 19.43 16.07
N TYR B 163 -7.40 19.56 16.50
CA TYR B 163 -8.49 19.77 15.56
C TYR B 163 -9.76 20.26 16.25
N ASN B 164 -10.68 20.81 15.47
CA ASN B 164 -11.93 21.31 16.01
C ASN B 164 -13.08 20.55 15.37
N HIS B 165 -14.00 20.07 16.19
CA HIS B 165 -15.12 19.29 15.69
C HIS B 165 -15.86 19.93 14.52
N SER B 166 -16.49 21.09 14.76
CA SER B 166 -17.24 21.75 13.70
C SER B 166 -16.43 22.08 12.46
N GLU B 167 -15.17 22.44 12.65
CA GLU B 167 -14.30 22.78 11.53
C GLU B 167 -14.22 21.56 10.62
N VAL B 168 -13.95 20.39 11.21
CA VAL B 168 -13.86 19.17 10.42
C VAL B 168 -15.22 18.80 9.85
N HIS B 169 -16.28 19.02 10.62
CA HIS B 169 -17.64 18.71 10.19
C HIS B 169 -18.02 19.46 8.93
N GLN B 170 -17.64 20.73 8.88
CA GLN B 170 -17.95 21.56 7.73
C GLN B 170 -17.18 21.16 6.47
N ARG B 171 -15.88 20.97 6.59
CA ARG B 171 -15.07 20.58 5.44
C ARG B 171 -15.51 19.21 4.94
N LEU B 172 -16.13 18.44 5.82
CA LEU B 172 -16.61 17.11 5.46
C LEU B 172 -17.92 17.17 4.67
N THR B 173 -18.85 17.98 5.15
CA THR B 173 -20.14 18.12 4.47
C THR B 173 -19.86 18.67 3.09
N GLN B 174 -18.84 19.50 3.03
CA GLN B 174 -18.39 20.11 1.79
C GLN B 174 -18.00 19.06 0.75
N LEU B 175 -16.97 18.29 1.06
CA LEU B 175 -16.46 17.25 0.17
C LEU B 175 -17.49 16.25 -0.33
N ILE B 176 -18.49 15.98 0.50
CA ILE B 176 -19.55 15.02 0.15
C ILE B 176 -20.58 15.59 -0.81
N THR B 177 -20.86 16.89 -0.69
CA THR B 177 -21.87 17.53 -1.53
C THR B 177 -21.39 18.48 -2.64
N GLN B 178 -20.08 18.69 -2.74
CA GLN B 178 -19.56 19.60 -3.78
C GLN B 178 -20.08 19.18 -5.15
N ASN B 179 -20.07 17.88 -5.40
CA ASN B 179 -20.57 17.35 -6.64
C ASN B 179 -21.70 16.44 -6.21
N ASP B 180 -22.73 16.33 -7.04
CA ASP B 180 -23.84 15.46 -6.70
C ASP B 180 -23.50 14.07 -7.17
N GLN B 181 -22.22 13.83 -7.38
CA GLN B 181 -21.79 12.51 -7.77
C GLN B 181 -22.24 11.72 -6.56
N LYS B 182 -22.60 10.48 -6.82
CA LYS B 182 -23.02 9.58 -5.78
C LYS B 182 -21.80 9.29 -4.90
N THR B 183 -21.84 9.77 -3.67
CA THR B 183 -20.71 9.63 -2.75
C THR B 183 -20.84 8.63 -1.60
N VAL B 184 -19.68 8.13 -1.17
CA VAL B 184 -19.58 7.21 -0.03
C VAL B 184 -18.48 7.72 0.91
N ALA B 185 -18.87 8.11 2.13
CA ALA B 185 -17.91 8.62 3.12
C ALA B 185 -17.25 7.39 3.74
N PHE B 186 -15.92 7.34 3.69
CA PHE B 186 -15.18 6.18 4.17
C PHE B 186 -14.25 6.56 5.31
N ALA B 187 -14.59 6.13 6.52
CA ALA B 187 -13.73 6.42 7.67
C ALA B 187 -12.66 5.34 7.80
N LEU B 188 -11.41 5.78 7.92
CA LEU B 188 -10.27 4.88 8.02
C LEU B 188 -9.94 4.41 9.44
N LYS B 189 -10.64 4.96 10.42
CA LYS B 189 -10.46 4.62 11.81
C LYS B 189 -11.81 4.81 12.48
N GLU B 190 -12.10 3.96 13.45
CA GLU B 190 -13.38 3.99 14.15
C GLU B 190 -13.82 5.31 14.80
N ARG B 191 -12.93 6.02 15.48
CA ARG B 191 -13.30 7.27 16.14
C ARG B 191 -13.93 8.32 15.22
N TRP B 192 -13.43 8.44 13.99
CA TRP B 192 -13.97 9.42 13.06
C TRP B 192 -15.38 9.03 12.62
N LEU B 193 -15.62 7.73 12.55
CA LEU B 193 -16.94 7.24 12.16
C LEU B 193 -17.94 7.54 13.27
N LEU B 194 -17.54 7.31 14.53
CA LEU B 194 -18.44 7.59 15.65
C LEU B 194 -18.67 9.09 15.88
N GLU B 195 -17.65 9.90 15.64
CA GLU B 195 -17.79 11.34 15.88
C GLU B 195 -18.55 12.18 14.86
N PHE B 196 -18.50 11.78 13.58
CA PHE B 196 -19.15 12.56 12.52
C PHE B 196 -20.34 11.97 11.79
N PHE B 197 -20.30 10.67 11.53
CA PHE B 197 -21.40 10.06 10.78
C PHE B 197 -22.77 10.05 11.46
N PRO B 198 -22.83 9.87 12.80
CA PRO B 198 -24.16 9.88 13.44
C PRO B 198 -24.98 11.11 13.05
N ASN B 199 -24.43 12.29 13.31
CA ASN B 199 -25.12 13.54 12.98
C ASN B 199 -25.52 13.60 11.51
N LEU B 200 -24.65 13.12 10.63
CA LEU B 200 -24.93 13.14 9.21
C LEU B 200 -26.10 12.22 8.89
N ILE B 201 -26.32 11.19 9.72
CA ILE B 201 -27.44 10.28 9.50
C ILE B 201 -28.72 11.02 9.89
N ILE B 202 -28.69 11.69 11.04
CA ILE B 202 -29.85 12.44 11.49
C ILE B 202 -30.19 13.62 10.56
N SER B 203 -29.19 14.37 10.13
CA SER B 203 -29.44 15.52 9.25
C SER B 203 -29.97 15.06 7.90
N GLY B 204 -29.76 13.78 7.58
CA GLY B 204 -30.24 13.23 6.31
C GLY B 204 -29.29 13.25 5.12
N LEU B 205 -28.08 13.77 5.29
CA LEU B 205 -27.12 13.81 4.19
C LEU B 205 -26.84 12.37 3.74
N ILE B 206 -26.68 11.47 4.71
CA ILE B 206 -26.43 10.07 4.45
C ILE B 206 -27.79 9.38 4.32
N ASP B 207 -28.28 9.30 3.09
CA ASP B 207 -29.58 8.71 2.80
C ASP B 207 -29.54 7.36 2.06
N ASN B 208 -28.33 6.87 1.80
CA ASN B 208 -28.16 5.60 1.09
C ASN B 208 -28.76 5.64 -0.30
N GLN B 209 -28.97 6.85 -0.79
CA GLN B 209 -29.50 7.07 -2.11
C GLN B 209 -28.41 7.75 -2.93
N THR B 210 -27.98 8.91 -2.44
CA THR B 210 -26.94 9.67 -3.10
C THR B 210 -25.66 9.52 -2.29
N VAL B 211 -25.80 9.50 -0.96
CA VAL B 211 -24.67 9.37 -0.06
C VAL B 211 -24.83 8.24 0.97
N THR B 212 -23.77 7.46 1.13
CA THR B 212 -23.77 6.36 2.10
C THR B 212 -22.49 6.47 2.93
N ALA B 213 -22.25 5.51 3.81
CA ALA B 213 -21.07 5.56 4.65
C ALA B 213 -20.54 4.20 5.10
N THR B 214 -19.23 4.10 5.29
CA THR B 214 -18.60 2.86 5.73
C THR B 214 -17.33 3.20 6.48
N GLY B 215 -16.60 2.17 6.90
CA GLY B 215 -15.38 2.40 7.63
C GLY B 215 -14.93 1.20 8.44
N PHE B 216 -13.73 1.31 9.01
CA PHE B 216 -13.16 0.27 9.86
C PHE B 216 -13.69 0.50 11.26
N ALA B 217 -14.75 -0.23 11.62
CA ALA B 217 -15.36 -0.14 12.93
C ALA B 217 -15.70 -1.54 13.44
N ASP B 218 -15.51 -1.77 14.74
CA ASP B 218 -15.81 -3.08 15.31
C ASP B 218 -16.89 -3.01 16.39
N THR B 219 -17.33 -1.80 16.71
CA THR B 219 -18.34 -1.61 17.74
C THR B 219 -19.72 -2.09 17.33
N ASP B 220 -20.32 -2.91 18.19
CA ASP B 220 -21.65 -3.45 17.91
C ASP B 220 -22.74 -2.38 17.91
N PHE B 221 -22.48 -1.27 18.59
CA PHE B 221 -23.52 -0.26 18.63
C PHE B 221 -23.61 0.81 17.50
N ILE B 222 -22.71 0.87 16.50
CA ILE B 222 -22.86 1.89 15.38
C ILE B 222 -23.80 1.37 14.35
N ARG B 223 -23.64 0.06 14.13
CA ARG B 223 -24.37 -0.77 13.18
C ARG B 223 -25.85 -0.69 13.36
N ARG B 224 -26.29 -0.49 14.60
CA ARG B 224 -27.70 -0.48 14.83
C ARG B 224 -28.37 0.85 14.58
N MET B 225 -27.63 1.89 14.20
CA MET B 225 -28.28 3.18 13.93
C MET B 225 -29.03 3.13 12.59
N LYS B 228 -29.28 0.48 8.01
CA LYS B 228 -28.08 -0.13 8.54
C LYS B 228 -26.92 -0.06 7.53
N LEU B 229 -25.79 0.48 7.97
CA LEU B 229 -24.63 0.63 7.10
C LEU B 229 -23.79 -0.65 7.05
N THR B 230 -22.88 -0.71 6.07
CA THR B 230 -21.99 -1.86 5.92
C THR B 230 -20.60 -1.43 6.34
N LEU B 231 -20.11 -2.02 7.42
CA LEU B 231 -18.79 -1.68 7.97
C LEU B 231 -17.78 -2.80 7.79
N ILE B 232 -16.51 -2.43 7.92
CA ILE B 232 -15.44 -3.40 7.80
C ILE B 232 -14.93 -3.67 9.21
N THR B 233 -14.92 -4.93 9.63
CA THR B 233 -14.45 -5.25 10.97
C THR B 233 -13.09 -5.96 10.93
N GLN B 234 -12.25 -5.64 11.90
CA GLN B 234 -10.95 -6.27 11.99
C GLN B 234 -11.01 -7.41 12.98
N ASN B 235 -12.04 -7.41 13.83
CA ASN B 235 -12.20 -8.42 14.87
C ASN B 235 -10.94 -8.37 15.74
N PRO B 236 -10.72 -7.23 16.44
CA PRO B 236 -9.55 -7.08 17.30
C PRO B 236 -9.43 -8.19 18.36
N PHE B 237 -10.56 -8.72 18.81
CA PHE B 237 -10.52 -9.81 19.79
C PHE B 237 -9.69 -10.97 19.21
N LEU B 238 -10.01 -11.38 17.99
CA LEU B 238 -9.32 -12.47 17.33
C LEU B 238 -7.83 -12.17 17.13
N MET B 239 -7.53 -10.94 16.73
CA MET B 239 -6.16 -10.52 16.52
C MET B 239 -5.41 -10.62 17.86
N GLY B 240 -6.11 -10.31 18.94
CA GLY B 240 -5.50 -10.37 20.25
C GLY B 240 -5.29 -11.81 20.67
N ALA B 241 -6.28 -12.64 20.42
CA ALA B 241 -6.19 -14.06 20.75
C ALA B 241 -5.02 -14.69 19.97
N SER B 242 -4.93 -14.38 18.69
CA SER B 242 -3.86 -14.94 17.84
C SER B 242 -2.46 -14.54 18.28
N SER B 243 -2.29 -13.30 18.72
CA SER B 243 -0.97 -12.84 19.16
C SER B 243 -0.58 -13.58 20.44
N ALA B 244 -1.56 -13.87 21.29
CA ALA B 244 -1.33 -14.57 22.55
C ALA B 244 -0.94 -16.03 22.31
N GLU B 245 -1.46 -16.62 21.23
CA GLU B 245 -1.11 -18.01 20.88
C GLU B 245 0.37 -17.99 20.54
N ILE B 246 0.76 -17.04 19.70
CA ILE B 246 2.16 -16.92 19.33
C ILE B 246 2.99 -16.76 20.62
N MET B 247 2.54 -15.88 21.51
CA MET B 247 3.26 -15.65 22.77
C MET B 247 3.38 -16.91 23.62
N LEU B 248 2.36 -17.76 23.62
CA LEU B 248 2.43 -19.01 24.39
C LEU B 248 3.59 -19.84 23.83
N ARG B 249 3.67 -19.90 22.50
CA ARG B 249 4.73 -20.65 21.82
C ARG B 249 6.10 -20.13 22.22
N GLN B 250 6.23 -18.82 22.38
CA GLN B 250 7.50 -18.21 22.76
C GLN B 250 7.90 -18.51 24.20
N LEU B 251 6.92 -18.53 25.10
CA LEU B 251 7.19 -18.83 26.51
C LEU B 251 7.49 -20.31 26.67
N ALA B 252 6.77 -21.14 25.93
CA ALA B 252 6.94 -22.58 25.99
C ALA B 252 8.34 -22.93 25.50
N GLY B 253 9.07 -21.92 25.03
CA GLY B 253 10.42 -22.14 24.55
C GLY B 253 10.57 -22.26 23.05
N GLU B 254 9.51 -22.68 22.37
CA GLU B 254 9.54 -22.86 20.91
C GLU B 254 10.06 -21.64 20.18
N LYS B 255 11.17 -21.78 19.45
CA LYS B 255 11.71 -20.68 18.68
C LYS B 255 10.67 -20.35 17.61
N VAL B 256 10.23 -19.09 17.58
CA VAL B 256 9.19 -18.67 16.64
C VAL B 256 9.72 -17.84 15.47
N ALA B 257 9.15 -18.10 14.29
CA ALA B 257 9.53 -17.40 13.07
C ALA B 257 8.96 -15.99 13.06
N PRO B 258 9.81 -14.98 12.86
CA PRO B 258 9.38 -13.58 12.85
C PRO B 258 8.61 -13.23 11.58
N GLU B 259 7.52 -13.93 11.33
CA GLU B 259 6.73 -13.68 10.14
C GLU B 259 5.42 -12.96 10.43
N LYS B 260 4.79 -12.46 9.38
CA LYS B 260 3.52 -11.76 9.50
C LYS B 260 2.34 -12.70 9.42
N MET B 261 1.42 -12.57 10.35
CA MET B 261 0.21 -13.38 10.33
C MET B 261 -0.91 -12.41 9.93
N VAL B 262 -1.59 -12.73 8.85
CA VAL B 262 -2.68 -11.90 8.33
C VAL B 262 -4.06 -12.42 8.71
N ILE B 263 -4.76 -11.67 9.56
CA ILE B 263 -6.11 -12.00 9.98
C ILE B 263 -6.98 -11.20 9.01
N PRO B 264 -7.63 -11.88 8.06
CA PRO B 264 -8.47 -11.13 7.11
C PRO B 264 -9.65 -10.38 7.73
N ALA B 265 -9.91 -9.18 7.21
CA ALA B 265 -11.03 -8.36 7.66
C ALA B 265 -12.32 -8.86 7.01
N LYS B 266 -13.46 -8.48 7.57
CA LYS B 266 -14.75 -8.90 7.04
C LYS B 266 -15.68 -7.73 6.77
N LEU B 267 -16.11 -7.61 5.51
CA LEU B 267 -17.03 -6.56 5.08
C LEU B 267 -18.41 -7.15 5.35
N GLN B 268 -19.05 -6.73 6.43
CA GLN B 268 -20.37 -7.26 6.76
C GLN B 268 -21.53 -6.31 6.50
N LYS C 8 -9.17 -2.42 -39.05
CA LYS C 8 -9.35 -3.38 -37.92
C LYS C 8 -8.16 -3.27 -36.94
N LEU C 9 -8.28 -2.35 -36.00
CA LEU C 9 -7.23 -2.12 -35.02
C LEU C 9 -7.48 -2.72 -33.65
N ILE C 10 -6.45 -3.32 -33.08
CA ILE C 10 -6.52 -3.91 -31.75
C ILE C 10 -5.54 -3.12 -30.88
N ALA C 11 -6.02 -2.62 -29.76
CA ALA C 11 -5.17 -1.85 -28.88
C ALA C 11 -4.43 -2.74 -27.92
N VAL C 12 -3.16 -2.41 -27.69
CA VAL C 12 -2.30 -3.14 -26.77
C VAL C 12 -1.69 -2.13 -25.80
N ILE C 13 -2.20 -2.05 -24.58
CA ILE C 13 -1.65 -1.10 -23.60
C ILE C 13 -0.61 -1.83 -22.76
N VAL C 14 0.64 -1.38 -22.79
CA VAL C 14 1.69 -2.05 -21.99
C VAL C 14 2.10 -1.18 -20.80
N ALA C 15 2.62 -1.84 -19.77
CA ALA C 15 3.05 -1.15 -18.54
C ALA C 15 4.09 -0.07 -18.84
N ASN C 16 5.05 -0.39 -19.70
CA ASN C 16 6.08 0.55 -20.12
C ASN C 16 6.86 0.01 -21.30
N ILE C 17 6.86 0.75 -22.40
CA ILE C 17 7.58 0.29 -23.58
C ILE C 17 9.07 0.12 -23.40
N ASP C 18 9.62 0.54 -22.27
CA ASP C 18 11.06 0.38 -22.06
C ASP C 18 11.40 -1.01 -21.56
N ASP C 19 10.39 -1.78 -21.18
CA ASP C 19 10.63 -3.14 -20.72
C ASP C 19 10.62 -4.07 -21.92
N TYR C 20 11.69 -4.87 -22.08
CA TYR C 20 11.78 -5.81 -23.19
C TYR C 20 10.55 -6.71 -23.16
N PHE C 21 10.04 -6.96 -21.96
CA PHE C 21 8.86 -7.80 -21.82
C PHE C 21 7.69 -7.24 -22.62
N SER C 22 7.47 -5.93 -22.53
CA SER C 22 6.36 -5.30 -23.24
C SER C 22 6.51 -5.28 -24.76
N THR C 23 7.71 -5.04 -25.26
CA THR C 23 7.86 -5.00 -26.72
C THR C 23 7.81 -6.39 -27.34
N GLU C 24 8.29 -7.40 -26.62
CA GLU C 24 8.24 -8.76 -27.16
C GLU C 24 6.83 -9.31 -27.11
N LEU C 25 6.10 -8.88 -26.07
CA LEU C 25 4.70 -9.30 -25.92
C LEU C 25 3.96 -8.75 -27.13
N PHE C 26 4.30 -7.52 -27.51
CA PHE C 26 3.67 -6.89 -28.65
C PHE C 26 3.95 -7.60 -29.98
N LYS C 27 5.21 -7.98 -30.22
CA LYS C 27 5.57 -8.66 -31.46
C LYS C 27 4.83 -9.98 -31.60
N GLY C 28 4.51 -10.60 -30.47
CA GLY C 28 3.76 -11.83 -30.49
C GLY C 28 2.34 -11.55 -30.93
N ILE C 29 1.77 -10.47 -30.38
CA ILE C 29 0.40 -10.08 -30.72
C ILE C 29 0.26 -9.73 -32.18
N SER C 30 1.13 -8.85 -32.69
CA SER C 30 1.08 -8.44 -34.10
C SER C 30 1.26 -9.62 -35.02
N SER C 31 2.16 -10.52 -34.62
CA SER C 31 2.46 -11.72 -35.38
C SER C 31 1.19 -12.51 -35.73
N ILE C 32 0.33 -12.69 -34.72
CA ILE C 32 -0.92 -13.41 -34.86
C ILE C 32 -2.01 -12.55 -35.50
N LEU C 33 -2.09 -11.29 -35.08
CA LEU C 33 -3.10 -10.40 -35.63
C LEU C 33 -2.96 -10.18 -37.12
N GLU C 34 -1.74 -10.28 -37.64
CA GLU C 34 -1.52 -10.09 -39.07
C GLU C 34 -1.88 -11.34 -39.86
N SER C 35 -2.16 -12.45 -39.17
CA SER C 35 -2.53 -13.69 -39.84
C SER C 35 -4.02 -13.67 -40.18
N ARG C 36 -4.76 -12.77 -39.54
CA ARG C 36 -6.19 -12.65 -39.77
C ARG C 36 -6.61 -11.25 -40.26
N GLY C 37 -5.62 -10.45 -40.66
CA GLY C 37 -5.91 -9.12 -41.16
C GLY C 37 -6.03 -7.99 -40.15
N TYR C 38 -5.67 -8.24 -38.89
CA TYR C 38 -5.74 -7.21 -37.86
C TYR C 38 -4.38 -6.56 -37.64
N ILE C 39 -4.41 -5.34 -37.11
CA ILE C 39 -3.20 -4.58 -36.83
C ILE C 39 -3.08 -4.20 -35.36
N GLY C 40 -2.00 -4.64 -34.73
CA GLY C 40 -1.75 -4.33 -33.34
C GLY C 40 -1.27 -2.90 -33.22
N VAL C 41 -1.71 -2.21 -32.17
CA VAL C 41 -1.33 -0.83 -31.93
C VAL C 41 -0.88 -0.69 -30.48
N LEU C 42 0.36 -0.25 -30.29
CA LEU C 42 0.95 -0.11 -28.97
C LEU C 42 0.76 1.26 -28.29
N PHE C 43 0.27 1.22 -27.06
CA PHE C 43 0.07 2.41 -26.25
C PHE C 43 1.00 2.26 -25.04
N ASP C 44 1.59 3.37 -24.59
CA ASP C 44 2.50 3.33 -23.45
C ASP C 44 1.88 3.90 -22.18
N ALA C 45 1.49 3.02 -21.27
CA ALA C 45 0.90 3.44 -20.01
C ALA C 45 1.89 4.32 -19.25
N ASN C 46 3.18 4.14 -19.51
CA ASN C 46 4.21 4.93 -18.85
C ASN C 46 4.08 4.78 -17.33
N ALA C 47 3.65 3.61 -16.89
CA ALA C 47 3.45 3.32 -15.46
C ALA C 47 2.57 4.37 -14.79
N ASP C 48 1.64 4.93 -15.55
CA ASP C 48 0.76 5.96 -15.03
C ASP C 48 -0.74 5.59 -15.11
N ILE C 49 -1.35 5.36 -13.95
CA ILE C 49 -2.76 4.97 -13.89
C ILE C 49 -3.68 6.06 -14.46
N GLU C 50 -3.32 7.32 -14.30
CA GLU C 50 -4.17 8.39 -14.84
C GLU C 50 -3.94 8.55 -16.35
N ARG C 51 -2.76 8.17 -16.82
CA ARG C 51 -2.46 8.24 -18.25
C ARG C 51 -3.28 7.15 -18.92
N GLU C 52 -3.28 5.97 -18.33
CA GLU C 52 -4.04 4.86 -18.90
C GLU C 52 -5.51 5.22 -19.11
N LYS C 53 -6.06 6.04 -18.22
CA LYS C 53 -7.46 6.43 -18.36
C LYS C 53 -7.69 7.24 -19.65
N THR C 54 -6.87 8.25 -19.90
CA THR C 54 -7.02 9.05 -21.10
C THR C 54 -6.85 8.13 -22.32
N LEU C 55 -5.89 7.22 -22.24
CA LEU C 55 -5.65 6.28 -23.33
C LEU C 55 -6.89 5.40 -23.56
N LEU C 56 -7.50 4.92 -22.48
CA LEU C 56 -8.70 4.10 -22.60
C LEU C 56 -9.86 4.88 -23.22
N ARG C 57 -9.97 6.16 -22.86
CA ARG C 57 -11.02 7.01 -23.38
C ARG C 57 -10.85 7.21 -24.88
N ALA C 58 -9.60 7.40 -25.31
CA ALA C 58 -9.31 7.58 -26.72
C ALA C 58 -9.59 6.27 -27.47
N ILE C 59 -9.26 5.15 -26.85
CA ILE C 59 -9.46 3.84 -27.45
C ILE C 59 -10.95 3.46 -27.65
N GLY C 60 -11.83 4.08 -26.87
CA GLY C 60 -13.26 3.78 -26.99
C GLY C 60 -14.01 4.72 -27.90
N SER C 61 -13.35 5.77 -28.36
CA SER C 61 -13.98 6.75 -29.22
C SER C 61 -13.21 6.97 -30.53
N ARG C 62 -12.27 6.10 -30.85
CA ARG C 62 -11.53 6.32 -32.07
C ARG C 62 -11.40 5.13 -33.03
N GLY C 63 -12.42 4.29 -33.06
CA GLY C 63 -12.44 3.15 -33.97
C GLY C 63 -11.55 1.95 -33.74
N PHE C 64 -11.58 1.39 -32.53
CA PHE C 64 -10.79 0.20 -32.23
C PHE C 64 -11.72 -0.98 -32.02
N ASP C 65 -11.25 -2.18 -32.34
CA ASP C 65 -12.08 -3.36 -32.17
C ASP C 65 -11.74 -4.23 -30.98
N GLY C 66 -10.57 -4.02 -30.38
CA GLY C 66 -10.20 -4.84 -29.25
C GLY C 66 -9.19 -4.19 -28.31
N LEU C 67 -8.91 -4.88 -27.21
CA LEU C 67 -7.96 -4.38 -26.23
C LEU C 67 -7.22 -5.48 -25.51
N ILE C 68 -5.90 -5.49 -25.67
CA ILE C 68 -5.08 -6.44 -24.96
C ILE C 68 -4.42 -5.58 -23.89
N LEU C 69 -4.62 -5.97 -22.64
CA LEU C 69 -4.13 -5.22 -21.52
C LEU C 69 -2.98 -5.87 -20.75
N GLN C 70 -1.85 -5.18 -20.68
CA GLN C 70 -0.69 -5.65 -19.92
C GLN C 70 -0.23 -4.46 -19.08
N SER C 71 -1.20 -3.77 -18.48
CA SER C 71 -0.93 -2.59 -17.68
C SER C 71 -1.41 -2.69 -16.23
N PHE C 72 -1.69 -1.55 -15.62
CA PHE C 72 -2.11 -1.52 -14.22
C PHE C 72 -3.59 -1.26 -13.96
N SER C 73 -4.34 -0.90 -15.00
CA SER C 73 -5.76 -0.62 -14.84
C SER C 73 -6.55 -1.72 -14.14
N ASN C 74 -7.47 -1.29 -13.28
CA ASN C 74 -8.33 -2.18 -12.51
C ASN C 74 -9.58 -2.40 -13.37
N PRO C 75 -10.09 -3.64 -13.44
CA PRO C 75 -11.28 -3.91 -14.26
C PRO C 75 -12.40 -2.87 -14.19
N GLN C 76 -12.69 -2.38 -12.99
CA GLN C 76 -13.76 -1.39 -12.84
C GLN C 76 -13.47 -0.18 -13.70
N THR C 77 -12.21 0.23 -13.75
CA THR C 77 -11.83 1.38 -14.54
C THR C 77 -12.08 1.16 -16.04
N VAL C 78 -11.82 -0.05 -16.51
CA VAL C 78 -12.01 -0.38 -17.93
C VAL C 78 -13.50 -0.50 -18.28
N GLN C 79 -14.25 -1.19 -17.45
CA GLN C 79 -15.68 -1.37 -17.68
C GLN C 79 -16.37 -0.02 -17.61
N GLU C 80 -15.93 0.81 -16.66
CA GLU C 80 -16.48 2.13 -16.47
C GLU C 80 -16.30 2.97 -17.73
N ILE C 81 -15.12 2.87 -18.34
CA ILE C 81 -14.82 3.64 -19.56
C ILE C 81 -15.30 2.99 -20.86
N LEU C 82 -15.11 1.68 -21.01
CA LEU C 82 -15.51 1.00 -22.24
C LEU C 82 -16.85 0.25 -22.24
N HIS C 83 -17.50 0.13 -21.08
CA HIS C 83 -18.80 -0.54 -20.99
C HIS C 83 -18.91 -1.81 -21.83
N GLN C 84 -17.83 -2.58 -21.89
CA GLN C 84 -17.81 -3.83 -22.64
C GLN C 84 -18.11 -3.65 -24.12
N GLN C 85 -17.72 -2.51 -24.68
CA GLN C 85 -17.96 -2.26 -26.10
C GLN C 85 -17.03 -3.09 -27.00
N MET C 86 -15.93 -3.59 -26.44
CA MET C 86 -14.99 -4.41 -27.21
C MET C 86 -14.43 -5.52 -26.34
N PRO C 87 -14.01 -6.63 -26.95
CA PRO C 87 -13.45 -7.72 -26.16
C PRO C 87 -12.12 -7.32 -25.53
N VAL C 88 -11.84 -7.90 -24.37
CA VAL C 88 -10.61 -7.61 -23.65
C VAL C 88 -9.91 -8.88 -23.21
N VAL C 89 -8.59 -8.81 -23.17
CA VAL C 89 -7.76 -9.92 -22.70
C VAL C 89 -6.67 -9.28 -21.84
N SER C 90 -6.46 -9.82 -20.64
CA SER C 90 -5.46 -9.30 -19.72
C SER C 90 -4.19 -10.16 -19.77
N VAL C 91 -3.01 -9.51 -19.80
CA VAL C 91 -1.75 -10.24 -19.86
C VAL C 91 -0.81 -9.99 -18.69
N ASP C 92 -0.18 -11.06 -18.20
CA ASP C 92 0.79 -11.00 -17.12
C ASP C 92 0.37 -10.25 -15.85
N ARG C 93 -0.85 -10.51 -15.42
CA ARG C 93 -1.38 -9.95 -14.20
C ARG C 93 -1.86 -11.17 -13.48
N GLU C 94 -1.65 -11.23 -12.17
CA GLU C 94 -2.16 -12.37 -11.42
C GLU C 94 -3.40 -11.68 -10.90
N MET C 95 -4.57 -11.98 -11.45
CA MET C 95 -5.73 -11.28 -10.93
C MET C 95 -6.75 -12.20 -10.32
N ASP C 96 -7.80 -11.60 -9.77
CA ASP C 96 -8.89 -12.34 -9.17
C ASP C 96 -10.14 -11.62 -9.62
N ALA C 97 -11.26 -12.33 -9.64
CA ALA C 97 -12.52 -11.73 -10.05
C ALA C 97 -12.33 -10.92 -11.32
N CYS C 98 -11.59 -11.47 -12.28
CA CYS C 98 -11.36 -10.79 -13.54
C CYS C 98 -12.47 -11.13 -14.53
N PRO C 99 -13.15 -10.12 -15.07
CA PRO C 99 -14.23 -10.38 -16.03
C PRO C 99 -13.81 -10.75 -17.45
N TRP C 100 -12.57 -11.18 -17.65
CA TRP C 100 -12.12 -11.54 -19.00
C TRP C 100 -10.93 -12.50 -18.98
N PRO C 101 -10.61 -13.13 -20.13
CA PRO C 101 -9.49 -14.08 -20.20
C PRO C 101 -8.15 -13.48 -19.76
N GLN C 102 -7.28 -14.32 -19.24
CA GLN C 102 -5.98 -13.88 -18.76
C GLN C 102 -4.84 -14.82 -19.14
N VAL C 103 -3.76 -14.27 -19.67
CA VAL C 103 -2.62 -15.11 -19.98
C VAL C 103 -1.63 -14.72 -18.90
N VAL C 104 -1.19 -15.70 -18.13
CA VAL C 104 -0.28 -15.47 -17.01
C VAL C 104 0.86 -16.47 -16.95
N THR C 105 1.77 -16.21 -16.02
CA THR C 105 2.93 -17.06 -15.78
C THR C 105 2.69 -17.75 -14.44
N ASP C 106 3.24 -18.95 -14.27
CA ASP C 106 3.12 -19.70 -13.03
C ASP C 106 4.23 -19.15 -12.13
N ASN C 107 4.08 -17.88 -11.81
CA ASN C 107 5.05 -17.15 -11.00
C ASN C 107 5.54 -17.88 -9.76
N PHE C 108 4.61 -18.37 -8.95
CA PHE C 108 5.01 -19.07 -7.74
C PHE C 108 5.86 -20.29 -8.08
N GLU C 109 5.29 -21.22 -8.84
CA GLU C 109 6.00 -22.43 -9.20
C GLU C 109 7.37 -22.19 -9.84
N ALA C 110 7.42 -21.28 -10.83
CA ALA C 110 8.67 -20.98 -11.53
C ALA C 110 9.76 -20.58 -10.55
N ALA C 111 9.44 -19.67 -9.65
CA ALA C 111 10.40 -19.20 -8.67
C ALA C 111 10.81 -20.33 -7.74
N LYS C 112 9.83 -21.16 -7.40
CA LYS C 112 10.08 -22.30 -6.51
C LYS C 112 11.04 -23.30 -7.14
N ALA C 113 10.65 -23.88 -8.26
CA ALA C 113 11.47 -24.87 -8.96
C ALA C 113 12.87 -24.32 -9.25
N ALA C 114 12.93 -23.05 -9.64
CA ALA C 114 14.19 -22.40 -9.94
C ALA C 114 15.06 -22.31 -8.69
N THR C 115 14.44 -22.01 -7.55
CA THR C 115 15.18 -21.91 -6.29
C THR C 115 15.62 -23.31 -5.83
N THR C 116 14.85 -24.32 -6.20
CA THR C 116 15.21 -25.69 -5.83
C THR C 116 16.41 -26.14 -6.67
N ALA C 117 16.43 -25.78 -7.95
CA ALA C 117 17.53 -26.17 -8.82
C ALA C 117 18.84 -25.62 -8.28
N PHE C 118 18.81 -24.36 -7.85
CA PHE C 118 20.00 -23.72 -7.31
C PHE C 118 20.34 -24.24 -5.90
N GLN C 120 19.90 -27.15 -5.24
CA GLN C 120 20.41 -28.49 -5.47
C GLN C 120 21.88 -28.49 -5.90
N GLN C 121 22.46 -27.31 -6.01
CA GLN C 121 23.85 -27.21 -6.42
C GLN C 121 24.77 -26.60 -5.38
N GLY C 122 24.21 -26.24 -4.23
CA GLY C 122 25.03 -25.66 -3.18
C GLY C 122 24.68 -24.21 -2.90
N TYR C 123 23.88 -23.63 -3.77
CA TYR C 123 23.47 -22.24 -3.61
C TYR C 123 22.32 -22.16 -2.62
N GLN C 124 22.72 -22.29 -1.34
CA GLN C 124 21.82 -22.28 -0.20
C GLN C 124 21.25 -20.88 0.11
N HIS C 125 22.13 -19.88 0.04
CA HIS C 125 21.74 -18.51 0.33
C HIS C 125 21.22 -17.74 -0.88
N VAL C 126 20.02 -17.18 -0.74
CA VAL C 126 19.44 -16.42 -1.83
C VAL C 126 19.37 -14.93 -1.45
N VAL C 127 19.59 -14.08 -2.43
CA VAL C 127 19.50 -12.64 -2.21
C VAL C 127 18.53 -12.17 -3.28
N VAL C 128 17.34 -11.80 -2.85
CA VAL C 128 16.30 -11.36 -3.77
C VAL C 128 16.27 -9.84 -3.95
N LEU C 129 16.44 -9.41 -5.20
CA LEU C 129 16.41 -7.99 -5.54
C LEU C 129 15.10 -7.76 -6.26
N THR C 130 14.24 -6.91 -5.71
CA THR C 130 12.93 -6.70 -6.33
C THR C 130 12.39 -5.29 -6.14
N SER C 131 11.31 -5.01 -6.87
CA SER C 131 10.64 -3.73 -6.77
C SER C 131 9.73 -3.97 -5.57
N GLU C 132 9.11 -2.91 -5.03
CA GLU C 132 8.23 -3.05 -3.87
C GLU C 132 7.23 -4.19 -4.05
N LEU C 133 7.30 -5.16 -3.16
CA LEU C 133 6.46 -6.35 -3.19
C LEU C 133 4.94 -6.12 -3.18
N GLU C 134 4.48 -5.27 -2.27
CA GLU C 134 3.06 -4.97 -2.11
C GLU C 134 2.36 -4.32 -3.30
N LEU C 135 3.13 -3.78 -4.25
CA LEU C 135 2.54 -3.14 -5.42
C LEU C 135 2.07 -4.11 -6.50
N SER C 136 2.56 -5.34 -6.47
CA SER C 136 2.19 -6.30 -7.49
C SER C 136 2.06 -7.73 -6.97
N ARG C 137 0.93 -8.36 -7.25
CA ARG C 137 0.72 -9.73 -6.78
C ARG C 137 1.73 -10.67 -7.45
N THR C 138 2.04 -10.42 -8.72
CA THR C 138 2.99 -11.26 -9.43
C THR C 138 4.33 -11.26 -8.71
N ARG C 139 4.81 -10.09 -8.34
CA ARG C 139 6.08 -10.04 -7.60
C ARG C 139 5.94 -10.87 -6.32
N GLN C 140 4.83 -10.70 -5.62
CA GLN C 140 4.57 -11.43 -4.39
C GLN C 140 4.60 -12.95 -4.56
N GLU C 141 3.97 -13.45 -5.61
CA GLU C 141 3.95 -14.88 -5.84
C GLU C 141 5.37 -15.38 -6.03
N ARG C 142 6.15 -14.64 -6.83
CA ARG C 142 7.53 -15.02 -7.09
C ARG C 142 8.33 -15.08 -5.78
N TYR C 143 8.14 -14.08 -4.93
CA TYR C 143 8.87 -14.03 -3.67
C TYR C 143 8.51 -15.21 -2.76
N ARG C 144 7.21 -15.42 -2.55
CA ARG C 144 6.78 -16.51 -1.69
C ARG C 144 7.25 -17.84 -2.30
N GLY C 145 7.41 -17.86 -3.62
CA GLY C 145 7.89 -19.05 -4.29
C GLY C 145 9.31 -19.41 -3.87
N ILE C 146 10.16 -18.39 -3.77
CA ILE C 146 11.55 -18.59 -3.37
C ILE C 146 11.61 -19.03 -1.89
N LEU C 147 10.74 -18.45 -1.06
CA LEU C 147 10.69 -18.77 0.36
C LEU C 147 10.18 -20.20 0.58
N ALA C 148 9.46 -20.73 -0.41
CA ALA C 148 8.92 -22.07 -0.31
C ALA C 148 9.96 -23.14 -0.61
N ALA C 149 11.01 -22.76 -1.36
CA ALA C 149 12.05 -23.71 -1.73
C ALA C 149 13.40 -23.44 -1.05
N ALA C 150 13.55 -22.28 -0.44
CA ALA C 150 14.80 -21.93 0.23
C ALA C 150 14.63 -21.43 1.65
N GLN C 151 15.73 -21.41 2.41
CA GLN C 151 15.72 -20.97 3.80
C GLN C 151 16.49 -19.67 4.04
N ASP C 152 17.82 -19.68 3.86
CA ASP C 152 18.63 -18.48 4.07
C ASP C 152 18.31 -17.54 2.91
N VAL C 153 17.33 -16.68 3.13
CA VAL C 153 16.88 -15.74 2.11
C VAL C 153 16.81 -14.29 2.56
N ASP C 154 17.71 -13.46 2.06
CA ASP C 154 17.71 -12.04 2.38
C ASP C 154 17.00 -11.37 1.21
N VAL C 155 16.29 -10.27 1.48
CA VAL C 155 15.57 -9.59 0.42
C VAL C 155 15.87 -8.09 0.37
N LEU C 156 15.97 -7.54 -0.83
CA LEU C 156 16.27 -6.12 -1.01
C LEU C 156 15.21 -5.49 -1.89
N GLU C 157 14.36 -4.68 -1.28
CA GLU C 157 13.29 -3.99 -1.99
C GLU C 157 13.73 -2.63 -2.50
N VAL C 158 13.42 -2.36 -3.75
CA VAL C 158 13.79 -1.09 -4.37
C VAL C 158 12.54 -0.38 -4.87
N SER C 159 12.40 0.91 -4.58
CA SER C 159 11.25 1.67 -5.06
C SER C 159 11.61 2.17 -6.44
N GLU C 160 10.82 1.79 -7.44
CA GLU C 160 11.08 2.22 -8.82
C GLU C 160 10.93 3.73 -8.96
N SER C 161 10.17 4.31 -8.04
CA SER C 161 9.91 5.76 -8.02
C SER C 161 11.05 6.56 -7.37
N SER C 162 11.56 6.05 -6.27
CA SER C 162 12.65 6.71 -5.55
C SER C 162 13.76 5.75 -5.14
N TYR C 163 14.90 5.81 -5.82
CA TYR C 163 16.01 4.94 -5.46
C TYR C 163 17.35 5.43 -5.96
N ASN C 164 18.38 5.17 -5.15
CA ASN C 164 19.75 5.56 -5.46
C ASN C 164 20.53 4.32 -5.91
N HIS C 165 21.21 4.42 -7.04
CA HIS C 165 21.98 3.31 -7.60
C HIS C 165 23.07 2.74 -6.70
N SER C 166 24.07 3.54 -6.33
CA SER C 166 25.17 3.07 -5.50
C SER C 166 24.66 2.58 -4.15
N GLU C 167 23.52 3.10 -3.71
CA GLU C 167 22.97 2.64 -2.44
C GLU C 167 22.55 1.19 -2.62
N VAL C 168 21.68 0.94 -3.60
CA VAL C 168 21.20 -0.41 -3.85
C VAL C 168 22.38 -1.31 -4.24
N HIS C 169 23.36 -0.73 -4.93
CA HIS C 169 24.55 -1.48 -5.34
C HIS C 169 25.39 -1.95 -4.16
N GLN C 170 25.62 -1.08 -3.18
CA GLN C 170 26.42 -1.48 -2.02
C GLN C 170 25.67 -2.49 -1.17
N ARG C 171 24.41 -2.17 -0.89
CA ARG C 171 23.56 -3.04 -0.09
C ARG C 171 23.53 -4.46 -0.65
N LEU C 172 23.38 -4.58 -1.97
CA LEU C 172 23.33 -5.88 -2.64
C LEU C 172 24.62 -6.67 -2.49
N THR C 173 25.75 -5.99 -2.63
CA THR C 173 27.04 -6.65 -2.51
C THR C 173 27.27 -7.12 -1.08
N GLN C 174 26.66 -6.42 -0.12
CA GLN C 174 26.79 -6.77 1.29
C GLN C 174 25.91 -8.00 1.60
N LEU C 175 24.70 -8.01 1.05
CA LEU C 175 23.78 -9.11 1.29
C LEU C 175 24.30 -10.43 0.70
N ILE C 176 25.08 -10.33 -0.38
CA ILE C 176 25.62 -11.53 -1.02
C ILE C 176 26.89 -12.02 -0.33
N THR C 177 27.77 -11.09 0.03
CA THR C 177 29.01 -11.46 0.71
C THR C 177 28.82 -11.33 2.22
N LYS C 182 27.96 -20.13 -0.39
CA LYS C 182 27.45 -20.06 -1.75
C LYS C 182 26.17 -19.25 -1.73
N THR C 183 25.94 -18.46 -2.79
CA THR C 183 24.76 -17.60 -2.85
C THR C 183 24.25 -17.33 -4.27
N VAL C 184 22.95 -17.13 -4.40
CA VAL C 184 22.32 -16.83 -5.70
C VAL C 184 21.67 -15.45 -5.63
N ALA C 185 22.10 -14.53 -6.49
CA ALA C 185 21.47 -13.23 -6.54
C ALA C 185 20.25 -13.48 -7.44
N PHE C 186 19.06 -13.24 -6.93
CA PHE C 186 17.83 -13.52 -7.68
C PHE C 186 17.05 -12.22 -7.90
N ALA C 187 16.94 -11.80 -9.17
CA ALA C 187 16.22 -10.58 -9.53
C ALA C 187 14.79 -10.95 -9.93
N LEU C 188 13.80 -10.31 -9.32
CA LEU C 188 12.41 -10.61 -9.62
C LEU C 188 11.88 -9.87 -10.83
N LYS C 189 12.70 -8.99 -11.40
CA LYS C 189 12.28 -8.21 -12.55
C LYS C 189 13.52 -8.01 -13.43
N GLU C 190 13.34 -8.10 -14.75
CA GLU C 190 14.47 -7.94 -15.66
C GLU C 190 15.33 -6.69 -15.45
N ARG C 191 14.69 -5.53 -15.42
CA ARG C 191 15.39 -4.26 -15.26
C ARG C 191 16.43 -4.22 -14.14
N TRP C 192 16.15 -4.90 -13.05
CA TRP C 192 17.06 -4.92 -11.92
C TRP C 192 18.25 -5.79 -12.26
N LEU C 193 17.99 -6.87 -12.99
CA LEU C 193 19.06 -7.76 -13.41
C LEU C 193 19.95 -6.99 -14.37
N LEU C 194 19.32 -6.24 -15.27
CA LEU C 194 20.07 -5.46 -16.25
C LEU C 194 20.90 -4.32 -15.62
N GLU C 195 20.35 -3.66 -14.60
CA GLU C 195 21.06 -2.54 -13.96
C GLU C 195 22.12 -2.89 -12.92
N PHE C 196 21.91 -3.95 -12.15
CA PHE C 196 22.84 -4.29 -11.08
C PHE C 196 23.73 -5.50 -11.25
N PHE C 197 23.28 -6.50 -12.00
CA PHE C 197 24.09 -7.69 -12.15
C PHE C 197 25.31 -7.59 -13.07
N PRO C 198 25.21 -6.87 -14.20
CA PRO C 198 26.36 -6.75 -15.10
C PRO C 198 27.70 -6.33 -14.50
N ASN C 199 27.69 -5.31 -13.66
CA ASN C 199 28.94 -4.84 -13.07
C ASN C 199 29.52 -5.77 -12.02
N LEU C 200 28.71 -6.71 -11.54
CA LEU C 200 29.17 -7.68 -10.55
C LEU C 200 29.78 -8.87 -11.28
N ILE C 201 29.41 -9.06 -12.54
CA ILE C 201 29.95 -10.15 -13.34
C ILE C 201 31.37 -9.80 -13.78
N ILE C 202 31.55 -8.55 -14.18
CA ILE C 202 32.83 -8.07 -14.64
C ILE C 202 33.83 -7.84 -13.50
N SER C 203 33.33 -7.49 -12.31
CA SER C 203 34.21 -7.27 -11.17
C SER C 203 34.72 -8.62 -10.63
N GLY C 204 34.07 -9.70 -11.08
CA GLY C 204 34.46 -11.03 -10.66
C GLY C 204 33.63 -11.65 -9.54
N LEU C 205 32.68 -10.90 -9.01
CA LEU C 205 31.84 -11.38 -7.91
C LEU C 205 30.96 -12.59 -8.30
N ILE C 206 30.30 -12.53 -9.45
CA ILE C 206 29.50 -13.65 -9.92
C ILE C 206 30.44 -14.51 -10.75
N ASP C 207 30.79 -15.69 -10.22
CA ASP C 207 31.73 -16.58 -10.90
C ASP C 207 31.20 -18.00 -11.08
N ASN C 208 30.18 -18.35 -10.29
CA ASN C 208 29.55 -19.68 -10.30
C ASN C 208 30.35 -20.71 -9.47
N GLN C 209 31.15 -20.20 -8.54
CA GLN C 209 31.94 -21.04 -7.63
C GLN C 209 31.35 -20.78 -6.24
N THR C 210 31.28 -19.51 -5.90
CA THR C 210 30.73 -19.08 -4.62
C THR C 210 29.48 -18.24 -4.78
N VAL C 211 29.38 -17.55 -5.92
CA VAL C 211 28.21 -16.70 -6.20
C VAL C 211 27.80 -16.75 -7.68
N THR C 212 26.51 -17.01 -7.93
CA THR C 212 25.98 -17.04 -9.29
C THR C 212 24.71 -16.17 -9.31
N ALA C 213 24.07 -16.08 -10.47
CA ALA C 213 22.87 -15.23 -10.55
C ALA C 213 21.81 -15.69 -11.52
N THR C 214 20.58 -15.29 -11.23
CA THR C 214 19.42 -15.63 -12.06
C THR C 214 18.36 -14.55 -11.90
N GLY C 215 17.23 -14.76 -12.56
CA GLY C 215 16.14 -13.81 -12.46
C GLY C 215 15.14 -13.96 -13.59
N PHE C 216 13.98 -13.34 -13.42
CA PHE C 216 12.95 -13.33 -14.43
C PHE C 216 13.41 -12.31 -15.44
N ALA C 217 13.88 -12.80 -16.57
CA ALA C 217 14.38 -11.93 -17.63
C ALA C 217 14.41 -12.76 -18.91
N ASP C 218 14.19 -12.10 -20.03
CA ASP C 218 14.18 -12.80 -21.29
C ASP C 218 15.20 -12.19 -22.25
N THR C 219 15.88 -11.13 -21.81
CA THR C 219 16.89 -10.46 -22.65
C THR C 219 17.88 -11.47 -23.19
N ASP C 220 18.05 -11.43 -24.51
CA ASP C 220 18.93 -12.35 -25.24
C ASP C 220 20.43 -12.15 -25.15
N PHE C 221 20.87 -11.05 -24.53
CA PHE C 221 22.31 -10.79 -24.42
C PHE C 221 22.82 -10.77 -22.99
N ILE C 222 21.98 -11.22 -22.06
CA ILE C 222 22.41 -11.29 -20.68
C ILE C 222 23.13 -12.62 -20.56
N ARG C 223 22.59 -13.62 -21.26
CA ARG C 223 23.11 -14.98 -21.31
C ARG C 223 24.59 -15.01 -21.60
N ARG C 224 24.95 -14.57 -22.80
CA ARG C 224 26.34 -14.51 -23.21
C ARG C 224 27.00 -13.46 -22.30
N MET C 225 27.65 -13.93 -21.22
CA MET C 225 28.34 -13.06 -20.27
C MET C 225 28.71 -13.85 -19.02
N LYS C 228 28.28 -17.47 -18.41
CA LYS C 228 26.89 -17.95 -18.61
C LYS C 228 25.99 -18.16 -17.37
N LEU C 229 24.86 -17.44 -17.34
CA LEU C 229 23.92 -17.40 -16.18
C LEU C 229 22.77 -18.34 -15.75
N THR C 230 21.89 -18.72 -16.67
CA THR C 230 20.70 -19.58 -16.38
C THR C 230 19.67 -18.64 -15.81
N LEU C 231 18.63 -18.47 -16.63
CA LEU C 231 17.53 -17.57 -16.37
C LEU C 231 16.13 -18.15 -16.37
N ILE C 232 15.16 -17.38 -15.87
CA ILE C 232 13.78 -17.82 -15.89
C ILE C 232 13.10 -16.95 -16.95
N THR C 233 12.76 -17.56 -18.07
CA THR C 233 12.11 -16.83 -19.15
C THR C 233 10.61 -17.08 -19.14
N GLN C 234 9.84 -16.01 -19.29
CA GLN C 234 8.38 -16.10 -19.32
C GLN C 234 7.94 -16.32 -20.76
N ASN C 235 8.85 -16.04 -21.69
CA ASN C 235 8.55 -16.15 -23.11
C ASN C 235 7.44 -15.15 -23.47
N PRO C 236 7.72 -13.85 -23.27
CA PRO C 236 6.72 -12.82 -23.57
C PRO C 236 6.07 -12.92 -24.94
N PHE C 237 6.83 -13.40 -25.93
CA PHE C 237 6.31 -13.54 -27.30
C PHE C 237 5.14 -14.51 -27.36
N LEU C 238 5.29 -15.68 -26.74
CA LEU C 238 4.23 -16.66 -26.75
C LEU C 238 3.05 -16.17 -25.91
N MET C 239 3.34 -15.44 -24.83
CA MET C 239 2.27 -14.90 -23.98
C MET C 239 1.44 -13.93 -24.83
N GLY C 240 2.12 -13.14 -25.64
CA GLY C 240 1.44 -12.20 -26.49
C GLY C 240 0.68 -12.89 -27.62
N ALA C 241 1.33 -13.89 -28.22
CA ALA C 241 0.72 -14.66 -29.30
C ALA C 241 -0.54 -15.32 -28.78
N SER C 242 -0.48 -15.81 -27.55
CA SER C 242 -1.60 -16.50 -26.93
C SER C 242 -2.79 -15.62 -26.61
N SER C 243 -2.54 -14.40 -26.15
CA SER C 243 -3.64 -13.52 -25.82
C SER C 243 -4.30 -13.06 -27.11
N ALA C 244 -3.52 -12.99 -28.19
CA ALA C 244 -4.03 -12.58 -29.49
C ALA C 244 -4.95 -13.66 -30.10
N GLU C 245 -4.69 -14.92 -29.76
CA GLU C 245 -5.49 -16.04 -30.22
C GLU C 245 -6.87 -15.91 -29.58
N ILE C 246 -6.86 -15.67 -28.26
CA ILE C 246 -8.08 -15.53 -27.49
C ILE C 246 -8.84 -14.33 -28.04
N MET C 247 -8.10 -13.30 -28.43
CA MET C 247 -8.69 -12.10 -28.98
C MET C 247 -9.34 -12.34 -30.34
N LEU C 248 -8.76 -13.25 -31.13
CA LEU C 248 -9.31 -13.58 -32.44
C LEU C 248 -10.66 -14.27 -32.27
N ARG C 249 -10.71 -15.22 -31.35
CA ARG C 249 -11.93 -15.96 -31.08
C ARG C 249 -13.06 -15.03 -30.59
N GLN C 250 -12.69 -13.92 -29.95
CA GLN C 250 -13.68 -12.98 -29.43
C GLN C 250 -14.21 -12.02 -30.48
N LEU C 251 -13.36 -11.63 -31.43
CA LEU C 251 -13.75 -10.73 -32.49
C LEU C 251 -14.59 -11.54 -33.46
N ALA C 252 -14.41 -12.86 -33.38
CA ALA C 252 -15.13 -13.80 -34.22
C ALA C 252 -16.34 -14.28 -33.44
N GLY C 253 -16.82 -13.43 -32.54
CA GLY C 253 -17.99 -13.75 -31.75
C GLY C 253 -17.99 -14.84 -30.68
N GLU C 254 -16.95 -15.66 -30.58
CA GLU C 254 -16.96 -16.69 -29.55
C GLU C 254 -17.07 -15.99 -28.18
N LYS C 255 -17.61 -16.68 -27.20
CA LYS C 255 -17.74 -16.09 -25.88
C LYS C 255 -16.80 -16.86 -24.97
N VAL C 256 -15.54 -16.48 -24.99
CA VAL C 256 -14.52 -17.13 -24.19
C VAL C 256 -14.74 -16.83 -22.72
N ALA C 257 -14.54 -17.83 -21.88
CA ALA C 257 -14.72 -17.67 -20.45
C ALA C 257 -13.60 -16.84 -19.82
N PRO C 258 -13.93 -16.07 -18.76
CA PRO C 258 -12.90 -15.25 -18.12
C PRO C 258 -12.04 -16.12 -17.19
N GLU C 259 -11.17 -16.95 -17.78
CA GLU C 259 -10.30 -17.81 -16.98
C GLU C 259 -8.80 -17.58 -17.26
N LYS C 260 -7.95 -18.23 -16.46
CA LYS C 260 -6.51 -18.09 -16.59
C LYS C 260 -5.86 -19.15 -17.50
N MET C 261 -5.10 -18.69 -18.50
CA MET C 261 -4.36 -19.60 -19.36
C MET C 261 -2.92 -19.42 -18.90
N VAL C 262 -2.31 -20.50 -18.44
CA VAL C 262 -0.94 -20.42 -17.94
C VAL C 262 0.14 -20.80 -18.95
N ILE C 263 1.16 -19.96 -19.03
CA ILE C 263 2.32 -20.17 -19.92
C ILE C 263 3.51 -20.34 -18.96
N PRO C 264 3.98 -21.58 -18.77
CA PRO C 264 5.11 -21.84 -17.87
C PRO C 264 6.41 -21.14 -18.22
N ALA C 265 7.13 -20.74 -17.18
CA ALA C 265 8.41 -20.05 -17.32
C ALA C 265 9.53 -21.08 -17.23
N LYS C 266 10.18 -21.33 -18.35
CA LYS C 266 11.26 -22.32 -18.38
C LYS C 266 12.54 -21.75 -17.78
N LEU C 267 13.26 -22.61 -17.07
CA LEU C 267 14.53 -22.22 -16.46
C LEU C 267 15.60 -22.57 -17.46
N GLN C 268 15.58 -21.91 -18.62
CA GLN C 268 16.55 -22.17 -19.68
C GLN C 268 17.98 -21.85 -19.31
N LYS D 8 -7.34 13.16 -31.94
CA LYS D 8 -6.06 13.66 -31.36
C LYS D 8 -4.96 12.59 -31.26
N LEU D 9 -4.95 11.66 -32.22
CA LEU D 9 -3.96 10.60 -32.23
C LEU D 9 -2.87 10.87 -33.25
N ILE D 10 -1.63 10.60 -32.87
CA ILE D 10 -0.51 10.77 -33.78
C ILE D 10 0.08 9.39 -34.02
N ALA D 11 0.09 8.95 -35.29
CA ALA D 11 0.65 7.64 -35.62
C ALA D 11 2.17 7.78 -35.61
N VAL D 12 2.84 6.81 -35.01
CA VAL D 12 4.29 6.82 -34.95
C VAL D 12 4.81 5.46 -35.41
N ILE D 13 5.44 5.44 -36.59
CA ILE D 13 5.95 4.19 -37.12
C ILE D 13 7.46 4.06 -36.92
N VAL D 14 7.87 3.08 -36.12
CA VAL D 14 9.28 2.87 -35.89
C VAL D 14 9.75 1.69 -36.72
N ALA D 15 11.02 1.69 -37.10
CA ALA D 15 11.58 0.60 -37.89
C ALA D 15 11.48 -0.74 -37.16
N ASN D 16 11.81 -0.76 -35.87
CA ASN D 16 11.75 -1.99 -35.07
C ASN D 16 11.69 -1.67 -33.59
N ILE D 17 10.66 -2.18 -32.90
CA ILE D 17 10.52 -1.91 -31.47
C ILE D 17 11.55 -2.62 -30.59
N ASP D 18 12.26 -3.59 -31.15
CA ASP D 18 13.27 -4.29 -30.36
C ASP D 18 14.36 -3.34 -29.93
N ASP D 19 14.64 -2.36 -30.79
CA ASP D 19 15.69 -1.41 -30.49
C ASP D 19 15.29 -0.35 -29.47
N TYR D 20 16.18 -0.15 -28.51
CA TYR D 20 16.00 0.84 -27.47
C TYR D 20 15.81 2.22 -28.12
N PHE D 21 16.49 2.42 -29.25
CA PHE D 21 16.41 3.69 -29.95
C PHE D 21 14.98 4.03 -30.32
N SER D 22 14.28 3.08 -30.93
CA SER D 22 12.90 3.32 -31.34
C SER D 22 11.94 3.52 -30.18
N THR D 23 12.14 2.81 -29.08
CA THR D 23 11.24 2.97 -27.95
C THR D 23 11.50 4.26 -27.19
N GLU D 24 12.76 4.68 -27.13
CA GLU D 24 13.09 5.92 -26.45
C GLU D 24 12.60 7.09 -27.29
N LEU D 25 12.61 6.88 -28.61
CA LEU D 25 12.15 7.88 -29.54
C LEU D 25 10.66 8.09 -29.31
N PHE D 26 9.93 6.99 -29.18
CA PHE D 26 8.50 7.08 -28.95
C PHE D 26 8.19 7.74 -27.60
N LYS D 27 8.96 7.41 -26.57
CA LYS D 27 8.72 8.01 -25.26
C LYS D 27 8.88 9.52 -25.34
N GLY D 28 9.91 9.96 -26.06
CA GLY D 28 10.13 11.39 -26.21
C GLY D 28 8.94 12.03 -26.91
N ILE D 29 8.43 11.33 -27.93
CA ILE D 29 7.28 11.80 -28.69
C ILE D 29 6.00 11.85 -27.83
N SER D 30 5.78 10.82 -27.01
CA SER D 30 4.60 10.75 -26.13
C SER D 30 4.68 11.85 -25.09
N SER D 31 5.88 12.07 -24.55
CA SER D 31 6.09 13.08 -23.53
C SER D 31 5.63 14.46 -23.98
N ILE D 32 6.03 14.84 -25.19
CA ILE D 32 5.66 16.15 -25.70
C ILE D 32 4.20 16.25 -26.11
N LEU D 33 3.65 15.16 -26.64
CA LEU D 33 2.25 15.16 -27.05
C LEU D 33 1.28 15.17 -25.84
N GLU D 34 1.68 14.52 -24.76
CA GLU D 34 0.86 14.46 -23.55
C GLU D 34 0.65 15.87 -22.97
N SER D 35 1.64 16.73 -23.14
CA SER D 35 1.59 18.10 -22.61
C SER D 35 0.69 19.00 -23.44
N ARG D 36 0.19 18.45 -24.56
CA ARG D 36 -0.67 19.20 -25.45
C ARG D 36 -1.99 18.49 -25.73
N GLY D 37 -2.34 17.53 -24.88
CA GLY D 37 -3.58 16.80 -25.06
C GLY D 37 -3.63 15.81 -26.20
N TYR D 38 -2.50 15.59 -26.87
CA TYR D 38 -2.43 14.63 -27.96
C TYR D 38 -1.91 13.28 -27.44
N ILE D 39 -2.30 12.19 -28.11
CA ILE D 39 -1.88 10.85 -27.73
C ILE D 39 -1.01 10.19 -28.81
N GLY D 40 0.14 9.68 -28.41
CA GLY D 40 1.04 9.03 -29.34
C GLY D 40 0.66 7.57 -29.48
N VAL D 41 0.59 7.11 -30.72
CA VAL D 41 0.21 5.73 -31.05
C VAL D 41 1.37 5.03 -31.77
N LEU D 42 1.84 3.91 -31.22
CA LEU D 42 2.98 3.22 -31.82
C LEU D 42 2.70 2.04 -32.75
N PHE D 43 3.31 2.10 -33.93
CA PHE D 43 3.20 1.07 -34.97
C PHE D 43 4.59 0.47 -35.17
N ASP D 44 4.64 -0.85 -35.20
CA ASP D 44 5.91 -1.58 -35.35
C ASP D 44 6.17 -2.06 -36.79
N ALA D 45 7.08 -1.39 -37.49
CA ALA D 45 7.39 -1.79 -38.86
C ALA D 45 8.06 -3.17 -38.92
N ASN D 46 8.63 -3.60 -37.80
CA ASN D 46 9.30 -4.90 -37.73
C ASN D 46 10.39 -5.10 -38.79
N ALA D 47 11.02 -4.01 -39.22
CA ALA D 47 12.07 -4.04 -40.22
C ALA D 47 11.58 -4.61 -41.55
N ASP D 48 10.28 -4.57 -41.76
CA ASP D 48 9.70 -5.10 -42.99
C ASP D 48 9.17 -3.94 -43.82
N ILE D 49 9.66 -3.80 -45.05
CA ILE D 49 9.23 -2.72 -45.91
C ILE D 49 7.76 -2.92 -46.26
N GLU D 50 7.32 -4.18 -46.22
CA GLU D 50 5.93 -4.53 -46.51
C GLU D 50 4.98 -4.18 -45.38
N ARG D 51 5.30 -4.60 -44.15
CA ARG D 51 4.44 -4.30 -43.01
C ARG D 51 4.27 -2.79 -42.93
N GLU D 52 5.35 -2.05 -43.23
CA GLU D 52 5.29 -0.59 -43.19
C GLU D 52 4.29 -0.08 -44.21
N LYS D 53 4.17 -0.79 -45.33
CA LYS D 53 3.22 -0.39 -46.36
C LYS D 53 1.78 -0.62 -45.91
N THR D 54 1.53 -1.75 -45.27
CA THR D 54 0.17 -2.02 -44.81
C THR D 54 -0.16 -1.15 -43.60
N LEU D 55 0.86 -0.74 -42.85
CA LEU D 55 0.63 0.12 -41.70
C LEU D 55 0.34 1.53 -42.21
N LEU D 56 1.05 1.93 -43.27
CA LEU D 56 0.87 3.23 -43.89
C LEU D 56 -0.49 3.30 -44.57
N ARG D 57 -0.92 2.19 -45.15
CA ARG D 57 -2.21 2.15 -45.81
C ARG D 57 -3.30 2.38 -44.76
N ALA D 58 -3.20 1.64 -43.65
CA ALA D 58 -4.18 1.74 -42.57
C ALA D 58 -4.20 3.11 -41.89
N ILE D 59 -3.04 3.74 -41.75
CA ILE D 59 -2.99 5.04 -41.10
C ILE D 59 -3.59 6.14 -41.99
N GLY D 60 -3.33 6.02 -43.29
CA GLY D 60 -3.83 7.00 -44.22
C GLY D 60 -5.35 7.00 -44.32
N SER D 61 -5.96 5.83 -44.17
CA SER D 61 -7.41 5.71 -44.26
C SER D 61 -8.17 6.04 -42.98
N ARG D 62 -7.60 5.71 -41.83
CA ARG D 62 -8.25 5.95 -40.55
C ARG D 62 -8.22 7.37 -40.00
N GLY D 63 -7.63 8.28 -40.74
CA GLY D 63 -7.62 9.66 -40.29
C GLY D 63 -6.93 10.00 -38.98
N PHE D 64 -5.64 9.70 -38.90
CA PHE D 64 -4.88 10.07 -37.72
C PHE D 64 -4.57 11.53 -37.97
N ASP D 65 -4.25 12.27 -36.91
CA ASP D 65 -3.96 13.69 -37.06
C ASP D 65 -2.58 13.95 -37.64
N GLY D 66 -1.69 12.97 -37.52
CA GLY D 66 -0.35 13.13 -38.03
C GLY D 66 0.42 11.84 -38.01
N LEU D 67 1.61 11.88 -38.61
CA LEU D 67 2.48 10.72 -38.69
C LEU D 67 3.93 11.13 -38.42
N ILE D 68 4.57 10.39 -37.54
CA ILE D 68 5.97 10.60 -37.22
C ILE D 68 6.59 9.30 -37.62
N LEU D 69 7.61 9.44 -38.42
CA LEU D 69 8.15 8.27 -39.03
C LEU D 69 9.59 8.04 -39.00
N GLN D 70 9.90 6.79 -38.88
CA GLN D 70 11.30 6.49 -38.84
C GLN D 70 11.53 5.67 -40.07
N SER D 71 10.86 4.52 -40.07
CA SER D 71 10.98 3.59 -41.17
C SER D 71 11.45 4.02 -42.56
N PHE D 72 11.97 2.96 -43.12
CA PHE D 72 12.61 2.79 -44.42
C PHE D 72 12.25 3.33 -45.79
N SER D 73 11.11 3.94 -45.99
CA SER D 73 10.87 4.35 -47.38
C SER D 73 11.47 5.64 -47.86
N ASN D 74 10.92 6.06 -48.98
CA ASN D 74 11.31 7.32 -49.57
C ASN D 74 9.94 7.99 -49.63
N PRO D 75 9.95 9.32 -49.50
CA PRO D 75 8.78 10.21 -49.52
C PRO D 75 7.64 9.85 -50.47
N GLN D 76 7.91 9.93 -51.78
CA GLN D 76 6.86 9.64 -52.75
C GLN D 76 6.13 8.33 -52.49
N THR D 77 6.81 7.37 -51.86
CA THR D 77 6.17 6.09 -51.54
C THR D 77 5.33 6.19 -50.27
N VAL D 78 5.76 7.04 -49.34
CA VAL D 78 4.97 7.24 -48.13
C VAL D 78 3.63 7.80 -48.64
N GLN D 79 3.74 8.86 -49.43
CA GLN D 79 2.65 9.67 -50.01
C GLN D 79 1.62 9.13 -50.99
N GLU D 80 1.93 8.03 -51.65
CA GLU D 80 1.01 7.45 -52.63
C GLU D 80 0.28 6.29 -51.98
N ILE D 81 0.91 5.83 -50.90
CA ILE D 81 0.38 4.73 -50.12
C ILE D 81 -0.41 5.28 -48.96
N LEU D 82 0.08 6.36 -48.38
CA LEU D 82 -0.60 6.97 -47.26
C LEU D 82 -2.02 7.35 -47.73
N HIS D 83 -2.14 7.69 -49.01
CA HIS D 83 -3.45 8.07 -49.56
C HIS D 83 -4.05 9.22 -48.76
N GLN D 84 -3.22 10.14 -48.30
CA GLN D 84 -3.76 11.23 -47.52
C GLN D 84 -2.78 12.37 -47.35
N GLN D 85 -3.30 13.51 -46.91
CA GLN D 85 -2.48 14.67 -46.68
C GLN D 85 -2.62 15.06 -45.22
N MET D 86 -1.66 14.60 -44.43
CA MET D 86 -1.64 14.88 -43.01
C MET D 86 -0.22 15.31 -42.71
N PRO D 87 -0.03 16.07 -41.64
CA PRO D 87 1.34 16.49 -41.34
C PRO D 87 2.24 15.29 -41.04
N VAL D 88 3.49 15.38 -41.49
CA VAL D 88 4.47 14.31 -41.29
C VAL D 88 5.80 14.87 -40.84
N VAL D 89 6.48 14.12 -39.97
CA VAL D 89 7.81 14.50 -39.51
C VAL D 89 8.59 13.21 -39.51
N SER D 90 9.67 13.16 -40.27
CA SER D 90 10.45 11.95 -40.28
C SER D 90 11.65 12.07 -39.37
N VAL D 91 12.00 10.94 -38.79
CA VAL D 91 13.13 10.90 -37.90
C VAL D 91 14.11 9.82 -38.20
N ASP D 92 15.33 10.10 -37.79
CA ASP D 92 16.51 9.26 -37.87
C ASP D 92 17.13 9.08 -39.22
N ARG D 93 16.37 8.46 -40.08
CA ARG D 93 16.91 8.24 -41.39
C ARG D 93 16.62 9.52 -42.12
N GLU D 94 17.41 9.73 -43.16
CA GLU D 94 17.40 10.88 -43.96
C GLU D 94 17.02 10.33 -45.28
N MET D 95 16.11 11.05 -45.91
CA MET D 95 15.67 10.67 -47.23
C MET D 95 15.68 11.92 -48.10
N ASP D 96 15.97 11.74 -49.38
CA ASP D 96 16.03 12.86 -50.32
C ASP D 96 14.67 13.36 -50.83
N ALA D 97 14.66 14.64 -51.23
CA ALA D 97 13.46 15.29 -51.74
C ALA D 97 12.35 15.06 -50.73
N CYS D 98 12.60 15.51 -49.51
CA CYS D 98 11.64 15.35 -48.44
C CYS D 98 10.76 16.58 -48.31
N PRO D 99 9.45 16.41 -48.53
CA PRO D 99 8.47 17.51 -48.45
C PRO D 99 8.06 17.90 -47.03
N TRP D 100 8.64 17.24 -46.04
CA TRP D 100 8.33 17.55 -44.65
C TRP D 100 9.60 17.69 -43.81
N PRO D 101 9.48 18.23 -42.58
CA PRO D 101 10.67 18.39 -41.72
C PRO D 101 11.26 17.06 -41.30
N GLN D 102 12.51 17.10 -40.86
CA GLN D 102 13.21 15.89 -40.42
C GLN D 102 14.09 16.23 -39.23
N VAL D 103 14.32 15.24 -38.38
CA VAL D 103 15.16 15.40 -37.21
C VAL D 103 16.17 14.26 -37.31
N VAL D 104 17.45 14.60 -37.48
CA VAL D 104 18.49 13.59 -37.60
C VAL D 104 19.69 13.89 -36.70
N THR D 105 20.65 12.98 -36.71
CA THR D 105 21.87 13.18 -35.92
C THR D 105 22.94 13.63 -36.92
N ASP D 106 24.04 14.20 -36.42
CA ASP D 106 25.14 14.64 -37.29
C ASP D 106 26.04 13.40 -37.43
N ASN D 107 25.51 12.40 -38.11
CA ASN D 107 26.18 11.12 -38.29
C ASN D 107 27.65 11.11 -38.72
N PHE D 108 27.94 11.74 -39.85
CA PHE D 108 29.30 11.82 -40.39
C PHE D 108 30.23 12.53 -39.41
N GLU D 109 29.85 13.73 -38.99
CA GLU D 109 30.67 14.52 -38.08
C GLU D 109 30.91 13.85 -36.73
N ALA D 110 29.87 13.25 -36.17
CA ALA D 110 30.00 12.57 -34.89
C ALA D 110 30.97 11.38 -34.96
N ALA D 111 30.85 10.58 -36.01
CA ALA D 111 31.74 9.42 -36.15
C ALA D 111 33.16 9.94 -36.41
N LYS D 112 33.26 11.01 -37.18
CA LYS D 112 34.54 11.62 -37.52
C LYS D 112 35.23 12.11 -36.25
N ALA D 113 34.54 12.94 -35.47
CA ALA D 113 35.07 13.48 -34.21
C ALA D 113 35.51 12.40 -33.23
N ALA D 114 34.73 11.33 -33.13
CA ALA D 114 35.05 10.22 -32.22
C ALA D 114 36.32 9.49 -32.67
N THR D 115 36.43 9.22 -33.96
CA THR D 115 37.60 8.52 -34.50
C THR D 115 38.83 9.39 -34.24
N THR D 116 38.69 10.69 -34.49
CA THR D 116 39.79 11.62 -34.29
C THR D 116 40.25 11.59 -32.83
N ALA D 117 39.32 11.32 -31.92
CA ALA D 117 39.65 11.25 -30.51
C ALA D 117 40.46 9.97 -30.18
N PHE D 118 40.09 8.86 -30.79
CA PHE D 118 40.80 7.60 -30.54
C PHE D 118 42.15 7.58 -31.26
N ARG D 119 42.28 8.41 -32.28
CA ARG D 119 43.54 8.47 -33.02
C ARG D 119 44.49 9.32 -32.20
N GLN D 120 43.97 10.41 -31.62
CA GLN D 120 44.79 11.30 -30.81
C GLN D 120 45.31 10.60 -29.56
N GLN D 121 44.79 9.40 -29.28
CA GLN D 121 45.25 8.67 -28.11
C GLN D 121 46.03 7.42 -28.46
N GLY D 122 46.33 7.24 -29.74
CA GLY D 122 47.12 6.09 -30.15
C GLY D 122 46.47 5.06 -31.04
N TYR D 123 45.14 4.94 -30.96
CA TYR D 123 44.41 3.97 -31.76
C TYR D 123 44.29 4.45 -33.20
N GLN D 124 44.98 3.75 -34.10
CA GLN D 124 44.97 4.11 -35.51
C GLN D 124 44.34 3.02 -36.36
N HIS D 125 44.11 1.88 -35.74
CA HIS D 125 43.47 0.80 -36.44
C HIS D 125 42.03 0.80 -35.95
N VAL D 126 41.10 0.84 -36.89
CA VAL D 126 39.69 0.82 -36.54
C VAL D 126 39.00 -0.36 -37.18
N VAL D 127 38.25 -1.10 -36.37
CA VAL D 127 37.50 -2.25 -36.84
C VAL D 127 36.06 -1.84 -36.64
N VAL D 128 35.37 -1.60 -37.76
CA VAL D 128 33.98 -1.18 -37.75
C VAL D 128 33.05 -2.39 -37.81
N LEU D 129 32.30 -2.60 -36.73
CA LEU D 129 31.35 -3.70 -36.66
C LEU D 129 30.03 -3.03 -37.03
N THR D 130 29.37 -3.50 -38.09
CA THR D 130 28.13 -2.84 -38.53
C THR D 130 27.21 -3.74 -39.33
N SER D 131 25.97 -3.30 -39.53
CA SER D 131 25.04 -4.05 -40.37
C SER D 131 25.50 -3.67 -41.79
N GLU D 132 25.00 -4.37 -42.81
CA GLU D 132 25.36 -4.07 -44.20
C GLU D 132 25.28 -2.58 -44.47
N LEU D 133 26.41 -1.97 -44.83
CA LEU D 133 26.46 -0.54 -45.08
C LEU D 133 25.48 -0.09 -46.18
N GLU D 134 25.46 -0.81 -47.29
CA GLU D 134 24.62 -0.47 -48.43
C GLU D 134 23.13 -0.28 -48.18
N LEU D 135 22.60 -0.95 -47.16
CA LEU D 135 21.19 -0.85 -46.84
C LEU D 135 20.73 0.39 -46.08
N SER D 136 21.65 1.27 -45.70
CA SER D 136 21.26 2.47 -44.96
C SER D 136 22.22 3.66 -45.10
N ARG D 137 21.70 4.80 -45.52
CA ARG D 137 22.50 6.00 -45.68
C ARG D 137 23.12 6.37 -44.33
N THR D 138 22.38 6.10 -43.26
CA THR D 138 22.85 6.38 -41.90
C THR D 138 24.15 5.59 -41.57
N ARG D 139 24.15 4.31 -41.91
CA ARG D 139 25.33 3.48 -41.67
C ARG D 139 26.51 3.95 -42.51
N GLN D 140 26.24 4.31 -43.76
CA GLN D 140 27.31 4.78 -44.63
C GLN D 140 27.91 6.11 -44.18
N GLU D 141 27.06 7.01 -43.67
CA GLU D 141 27.55 8.31 -43.23
C GLU D 141 28.48 8.11 -42.04
N ARG D 142 28.13 7.17 -41.17
CA ARG D 142 28.94 6.90 -39.98
C ARG D 142 30.30 6.29 -40.40
N TYR D 143 30.26 5.35 -41.32
CA TYR D 143 31.47 4.71 -41.82
C TYR D 143 32.39 5.71 -42.56
N ARG D 144 31.78 6.58 -43.36
CA ARG D 144 32.53 7.59 -44.09
C ARG D 144 33.18 8.58 -43.14
N GLY D 145 32.48 8.86 -42.03
CA GLY D 145 33.01 9.75 -41.02
C GLY D 145 34.27 9.15 -40.44
N ILE D 146 34.24 7.84 -40.24
CA ILE D 146 35.42 7.13 -39.71
C ILE D 146 36.55 7.17 -40.76
N LEU D 147 36.19 7.01 -42.04
CA LEU D 147 37.20 7.03 -43.10
C LEU D 147 37.86 8.40 -43.26
N ALA D 148 37.16 9.45 -42.86
CA ALA D 148 37.70 10.81 -42.97
C ALA D 148 38.65 11.16 -41.85
N ALA D 149 38.70 10.31 -40.82
CA ALA D 149 39.55 10.56 -39.67
C ALA D 149 40.66 9.54 -39.42
N ALA D 150 40.59 8.37 -40.06
CA ALA D 150 41.60 7.33 -39.91
C ALA D 150 41.89 6.67 -41.26
N GLN D 151 43.05 5.99 -41.37
CA GLN D 151 43.45 5.34 -42.62
C GLN D 151 43.33 3.83 -42.63
N ASP D 152 43.79 3.17 -41.57
CA ASP D 152 43.70 1.72 -41.52
C ASP D 152 42.34 1.42 -40.92
N VAL D 153 41.39 1.09 -41.78
CA VAL D 153 40.02 0.82 -41.36
C VAL D 153 39.42 -0.43 -41.99
N ASP D 154 39.12 -1.40 -41.14
CA ASP D 154 38.51 -2.66 -41.55
C ASP D 154 37.06 -2.60 -41.18
N VAL D 155 36.21 -3.23 -41.97
CA VAL D 155 34.79 -3.23 -41.68
C VAL D 155 34.25 -4.64 -41.69
N LEU D 156 33.45 -4.97 -40.69
CA LEU D 156 32.86 -6.30 -40.62
C LEU D 156 31.35 -6.15 -40.79
N GLU D 157 30.86 -6.44 -41.99
CA GLU D 157 29.44 -6.34 -42.25
C GLU D 157 28.68 -7.56 -41.78
N VAL D 158 27.49 -7.31 -41.25
CA VAL D 158 26.61 -8.35 -40.74
C VAL D 158 25.22 -8.16 -41.29
N SER D 159 24.64 -9.21 -41.86
CA SER D 159 23.28 -9.11 -42.37
C SER D 159 22.42 -9.48 -41.18
N GLU D 160 21.61 -8.53 -40.73
CA GLU D 160 20.77 -8.79 -39.58
C GLU D 160 19.86 -9.98 -39.79
N SER D 161 19.48 -10.23 -41.04
CA SER D 161 18.61 -11.36 -41.32
C SER D 161 19.31 -12.68 -41.00
N SER D 162 20.60 -12.80 -41.30
CA SER D 162 21.26 -14.07 -41.02
C SER D 162 22.75 -14.01 -40.72
N TYR D 163 23.15 -14.22 -39.46
CA TYR D 163 24.57 -14.22 -39.17
C TYR D 163 25.04 -15.36 -38.27
N HIS D 165 26.32 -15.99 -34.41
CA HIS D 165 27.00 -15.29 -33.32
C HIS D 165 28.43 -15.76 -33.22
N SER D 166 28.57 -17.08 -33.06
CA SER D 166 29.86 -17.76 -32.98
C SER D 166 30.57 -17.21 -34.22
N GLU D 167 29.79 -17.13 -35.28
CA GLU D 167 30.18 -16.60 -36.57
C GLU D 167 29.95 -15.11 -36.35
N VAL D 168 30.98 -14.33 -36.62
CA VAL D 168 31.03 -12.87 -36.48
C VAL D 168 32.03 -12.62 -35.36
N HIS D 169 31.84 -13.33 -34.25
CA HIS D 169 32.72 -13.21 -33.11
C HIS D 169 34.15 -13.58 -33.51
N GLN D 170 34.30 -14.66 -34.27
CA GLN D 170 35.63 -15.08 -34.71
C GLN D 170 36.14 -14.05 -35.70
N ARG D 171 35.27 -13.63 -36.62
CA ARG D 171 35.61 -12.62 -37.63
C ARG D 171 36.21 -11.40 -36.94
N LEU D 172 35.52 -10.93 -35.90
CA LEU D 172 35.92 -9.74 -35.15
C LEU D 172 37.23 -9.85 -34.38
N THR D 173 37.51 -11.03 -33.84
CA THR D 173 38.74 -11.25 -33.09
C THR D 173 39.96 -11.16 -34.00
N GLN D 174 39.85 -11.69 -35.21
CA GLN D 174 40.98 -11.65 -36.12
C GLN D 174 41.29 -10.24 -36.60
N LEU D 175 40.26 -9.51 -37.04
CA LEU D 175 40.46 -8.16 -37.52
C LEU D 175 41.17 -7.28 -36.48
N ILE D 176 40.75 -7.44 -35.22
CA ILE D 176 41.35 -6.67 -34.14
C ILE D 176 42.79 -7.12 -33.93
N THR D 177 43.06 -8.41 -34.13
CA THR D 177 44.41 -8.91 -33.92
C THR D 177 45.13 -9.53 -35.12
N GLN D 178 44.85 -9.06 -36.34
CA GLN D 178 45.57 -9.59 -37.50
C GLN D 178 46.99 -9.16 -37.19
N ASN D 179 47.14 -7.87 -36.91
CA ASN D 179 48.41 -7.30 -36.50
C ASN D 179 48.12 -7.09 -35.02
N ASP D 180 49.11 -6.64 -34.26
CA ASP D 180 48.90 -6.40 -32.84
C ASP D 180 49.02 -4.90 -32.60
N GLN D 181 48.55 -4.14 -33.58
CA GLN D 181 48.57 -2.69 -33.54
C GLN D 181 47.50 -2.15 -32.60
N LYS D 182 47.67 -0.92 -32.12
CA LYS D 182 46.71 -0.30 -31.21
C LYS D 182 45.39 -0.22 -31.99
N THR D 183 44.35 -0.89 -31.49
CA THR D 183 43.08 -0.93 -32.20
C THR D 183 41.83 -0.53 -31.41
N VAL D 184 40.85 0.04 -32.12
CA VAL D 184 39.59 0.43 -31.50
C VAL D 184 38.41 -0.17 -32.27
N ALA D 185 37.69 -1.07 -31.61
CA ALA D 185 36.51 -1.71 -32.17
C ALA D 185 35.42 -0.63 -32.12
N PHE D 186 34.77 -0.38 -33.25
CA PHE D 186 33.78 0.68 -33.35
C PHE D 186 32.44 0.15 -33.89
N ALA D 187 31.42 0.08 -33.04
CA ALA D 187 30.10 -0.42 -33.49
C ALA D 187 29.24 0.74 -33.98
N LEU D 188 28.63 0.57 -35.15
CA LEU D 188 27.78 1.60 -35.75
C LEU D 188 26.31 1.52 -35.33
N LYS D 189 25.94 0.45 -34.63
CA LYS D 189 24.58 0.28 -34.14
C LYS D 189 24.72 -0.30 -32.71
N GLU D 190 23.77 -0.02 -31.84
CA GLU D 190 23.84 -0.47 -30.47
C GLU D 190 23.78 -1.98 -30.28
N ARG D 191 22.93 -2.65 -31.06
CA ARG D 191 22.79 -4.09 -30.87
C ARG D 191 24.12 -4.81 -31.00
N TRP D 192 25.02 -4.31 -31.85
CA TRP D 192 26.31 -4.96 -32.02
C TRP D 192 27.26 -4.74 -30.85
N LEU D 193 27.15 -3.58 -30.20
CA LEU D 193 28.00 -3.33 -29.03
C LEU D 193 27.61 -4.33 -27.95
N LEU D 194 26.31 -4.41 -27.70
CA LEU D 194 25.76 -5.28 -26.69
C LEU D 194 26.06 -6.75 -26.90
N GLU D 195 25.77 -7.25 -28.09
CA GLU D 195 26.01 -8.66 -28.38
C GLU D 195 27.47 -9.12 -28.43
N PHE D 196 28.36 -8.26 -28.91
CA PHE D 196 29.76 -8.68 -29.06
C PHE D 196 30.84 -8.09 -28.16
N PHE D 197 30.58 -6.96 -27.49
CA PHE D 197 31.62 -6.34 -26.65
C PHE D 197 31.78 -6.82 -25.19
N PRO D 198 30.68 -7.08 -24.48
CA PRO D 198 30.87 -7.52 -23.09
C PRO D 198 31.88 -8.68 -22.94
N ASN D 199 31.77 -9.67 -23.81
CA ASN D 199 32.66 -10.84 -23.76
C ASN D 199 34.12 -10.51 -24.06
N LEU D 200 34.34 -9.45 -24.82
CA LEU D 200 35.71 -9.06 -25.15
C LEU D 200 36.32 -8.30 -23.99
N ILE D 201 35.46 -7.79 -23.11
CA ILE D 201 35.93 -7.05 -21.94
C ILE D 201 36.27 -8.05 -20.83
N ILE D 202 35.43 -9.06 -20.68
CA ILE D 202 35.63 -10.07 -19.66
C ILE D 202 36.83 -10.94 -20.04
N SER D 203 36.93 -11.28 -21.31
CA SER D 203 38.03 -12.10 -21.81
C SER D 203 39.34 -11.34 -21.73
N GLY D 204 39.26 -10.04 -21.45
CA GLY D 204 40.45 -9.24 -21.36
C GLY D 204 40.92 -8.68 -22.70
N LEU D 205 40.39 -9.19 -23.80
CA LEU D 205 40.78 -8.72 -25.13
C LEU D 205 40.73 -7.19 -25.20
N ILE D 206 39.62 -6.61 -24.77
CA ILE D 206 39.53 -5.17 -24.76
C ILE D 206 40.24 -4.72 -23.48
N ASP D 207 41.53 -4.46 -23.62
CA ASP D 207 42.39 -4.04 -22.51
C ASP D 207 42.32 -2.56 -22.15
N ASN D 208 42.03 -1.73 -23.16
CA ASN D 208 41.95 -0.28 -22.99
C ASN D 208 43.38 0.25 -22.90
N GLN D 209 44.34 -0.57 -23.31
CA GLN D 209 45.75 -0.20 -23.31
C GLN D 209 46.27 -0.49 -24.71
N THR D 210 45.72 -1.54 -25.30
CA THR D 210 46.11 -1.98 -26.63
C THR D 210 44.89 -2.09 -27.54
N VAL D 211 43.73 -2.35 -26.94
CA VAL D 211 42.48 -2.47 -27.68
C VAL D 211 41.34 -1.86 -26.88
N THR D 212 40.73 -0.82 -27.44
CA THR D 212 39.61 -0.16 -26.78
C THR D 212 38.36 -0.30 -27.66
N ALA D 213 37.22 0.22 -27.23
CA ALA D 213 36.00 0.09 -28.02
C ALA D 213 35.02 1.23 -27.80
N THR D 214 34.15 1.44 -28.79
CA THR D 214 33.16 2.49 -28.72
C THR D 214 32.04 2.18 -29.69
N GLY D 215 31.12 3.12 -29.86
CA GLY D 215 30.02 2.93 -30.78
C GLY D 215 28.85 3.83 -30.44
N PHE D 216 27.86 3.81 -31.31
CA PHE D 216 26.66 4.60 -31.09
C PHE D 216 25.76 3.77 -30.20
N ALA D 217 25.68 4.14 -28.94
CA ALA D 217 24.84 3.45 -27.98
C ALA D 217 24.21 4.48 -27.03
N ASP D 218 22.97 4.23 -26.63
CA ASP D 218 22.29 5.16 -25.75
C ASP D 218 21.74 4.48 -24.51
N THR D 219 21.69 3.15 -24.52
CA THR D 219 21.13 2.40 -23.42
C THR D 219 21.71 2.73 -22.07
N ASP D 220 20.79 2.91 -21.12
CA ASP D 220 21.19 3.23 -19.75
C ASP D 220 22.21 2.30 -19.18
N PHE D 221 22.01 1.01 -19.31
CA PHE D 221 22.97 0.09 -18.71
C PHE D 221 24.02 -0.26 -19.76
N ILE D 222 23.69 0.07 -21.03
CA ILE D 222 24.55 -0.18 -22.24
C ILE D 222 26.03 -0.11 -21.89
N ARG D 223 26.30 0.54 -20.77
CA ARG D 223 27.64 0.70 -20.31
C ARG D 223 27.71 1.39 -18.98
N ARG D 224 28.64 0.84 -18.21
CA ARG D 224 28.99 1.22 -16.85
C ARG D 224 30.08 0.20 -16.72
N MET D 225 29.88 -0.97 -17.37
CA MET D 225 30.83 -2.11 -17.39
C MET D 225 32.20 -1.76 -16.93
N GLU D 226 32.92 -0.95 -17.69
CA GLU D 226 34.19 -0.45 -17.17
C GLU D 226 34.06 0.76 -18.06
N PRO D 227 33.36 1.52 -17.19
CA PRO D 227 32.97 2.99 -17.33
C PRO D 227 33.83 3.86 -18.19
N LYS D 228 34.95 3.31 -18.63
CA LYS D 228 35.87 3.96 -19.53
C LYS D 228 35.48 3.66 -20.99
N LEU D 229 34.29 3.13 -21.24
CA LEU D 229 33.96 2.99 -22.64
C LEU D 229 33.39 4.33 -22.87
N THR D 230 33.90 5.03 -23.85
CA THR D 230 33.30 6.31 -24.13
C THR D 230 32.38 5.93 -25.28
N LEU D 231 31.16 6.45 -25.23
CA LEU D 231 30.18 6.14 -26.27
C LEU D 231 29.69 7.38 -26.99
N ILE D 232 29.11 7.15 -28.16
CA ILE D 232 28.56 8.24 -28.94
C ILE D 232 27.05 8.17 -28.70
N THR D 233 26.53 9.10 -27.92
CA THR D 233 25.11 9.10 -27.61
C THR D 233 24.33 10.01 -28.54
N GLN D 234 23.17 9.53 -28.98
CA GLN D 234 22.31 10.26 -29.90
C GLN D 234 21.17 10.96 -29.16
N ASN D 235 20.77 10.40 -28.01
CA ASN D 235 19.67 10.93 -27.21
C ASN D 235 18.34 10.82 -27.97
N PRO D 236 17.89 9.58 -28.26
CA PRO D 236 16.63 9.42 -28.98
C PRO D 236 15.42 10.06 -28.32
N PHE D 237 15.43 10.17 -27.00
CA PHE D 237 14.31 10.78 -26.28
C PHE D 237 14.19 12.24 -26.74
N LEU D 238 15.32 12.93 -26.78
CA LEU D 238 15.36 14.32 -27.23
C LEU D 238 14.97 14.42 -28.71
N MET D 239 15.45 13.49 -29.53
CA MET D 239 15.14 13.47 -30.95
C MET D 239 13.63 13.25 -31.12
N GLY D 240 13.07 12.35 -30.32
CA GLY D 240 11.65 12.09 -30.40
C GLY D 240 10.86 13.30 -29.94
N ALA D 241 11.25 13.88 -28.81
CA ALA D 241 10.58 15.06 -28.29
C ALA D 241 10.62 16.23 -29.28
N SER D 242 11.73 16.37 -30.01
CA SER D 242 11.87 17.45 -30.99
C SER D 242 11.00 17.24 -32.22
N SER D 243 10.81 15.97 -32.59
CA SER D 243 9.97 15.67 -33.74
C SER D 243 8.50 15.97 -33.42
N ALA D 244 8.12 15.91 -32.16
CA ALA D 244 6.75 16.21 -31.75
C ALA D 244 6.54 17.74 -31.62
N GLU D 245 7.55 18.44 -31.12
CA GLU D 245 7.46 19.91 -31.01
C GLU D 245 7.20 20.46 -32.41
N ILE D 246 7.73 19.79 -33.42
CA ILE D 246 7.56 20.20 -34.81
C ILE D 246 6.19 19.81 -35.34
N MET D 247 5.73 18.63 -34.94
CA MET D 247 4.43 18.12 -35.34
C MET D 247 3.37 19.02 -34.71
N LEU D 248 3.65 19.49 -33.49
CA LEU D 248 2.75 20.36 -32.76
C LEU D 248 2.60 21.69 -33.47
N ARG D 249 3.59 22.02 -34.31
CA ARG D 249 3.55 23.27 -35.05
C ARG D 249 2.76 23.12 -36.35
N GLN D 250 2.97 22.00 -37.03
CA GLN D 250 2.27 21.75 -38.28
C GLN D 250 0.78 21.54 -38.02
N LEU D 251 0.44 21.09 -36.82
CA LEU D 251 -0.94 20.83 -36.45
C LEU D 251 -1.66 22.14 -36.14
N ALA D 252 -0.96 23.06 -35.49
CA ALA D 252 -1.54 24.34 -35.12
C ALA D 252 -1.82 25.15 -36.38
N GLY D 253 -0.98 24.98 -37.39
CA GLY D 253 -1.16 25.70 -38.64
C GLY D 253 0.12 26.19 -39.28
N GLU D 254 1.19 26.24 -38.50
CA GLU D 254 2.47 26.70 -39.01
C GLU D 254 2.94 25.79 -40.14
N LYS D 255 3.07 26.35 -41.33
CA LYS D 255 3.56 25.54 -42.44
C LYS D 255 5.08 25.59 -42.31
N VAL D 256 5.63 24.58 -41.64
CA VAL D 256 7.07 24.49 -41.40
C VAL D 256 7.80 24.13 -42.70
N ALA D 257 9.06 24.53 -42.82
CA ALA D 257 9.85 24.24 -44.01
C ALA D 257 10.40 22.82 -44.00
N PRO D 258 10.53 22.18 -45.19
CA PRO D 258 11.05 20.82 -45.29
C PRO D 258 12.54 20.77 -45.00
N GLU D 259 12.93 21.35 -43.87
CA GLU D 259 14.33 21.40 -43.48
C GLU D 259 14.76 20.34 -42.46
N LYS D 260 16.06 20.07 -42.43
CA LYS D 260 16.66 19.10 -41.53
C LYS D 260 17.07 19.74 -40.22
N MET D 261 16.52 19.25 -39.10
CA MET D 261 16.94 19.75 -37.81
C MET D 261 18.00 18.76 -37.34
N VAL D 262 19.19 19.25 -37.06
CA VAL D 262 20.27 18.37 -36.62
C VAL D 262 20.48 18.44 -35.10
N ILE D 263 20.39 17.29 -34.43
CA ILE D 263 20.65 17.21 -32.99
C ILE D 263 22.03 16.56 -32.97
N PRO D 264 23.07 17.27 -32.55
CA PRO D 264 24.39 16.63 -32.55
C PRO D 264 24.56 15.56 -31.49
N ALA D 265 25.19 14.46 -31.87
CA ALA D 265 25.44 13.37 -30.95
C ALA D 265 26.55 13.84 -30.00
N LYS D 266 26.55 13.32 -28.79
CA LYS D 266 27.56 13.68 -27.81
C LYS D 266 28.52 12.53 -27.60
N LEU D 267 29.81 12.84 -27.48
CA LEU D 267 30.81 11.83 -27.21
C LEU D 267 31.02 11.90 -25.71
N GLN D 268 30.56 10.89 -24.97
CA GLN D 268 30.74 10.92 -23.54
C GLN D 268 31.67 9.83 -23.04
N GLU D 269 32.78 10.24 -22.44
CA GLU D 269 33.77 9.32 -21.89
C GLU D 269 33.37 8.92 -20.48
CL CL E . 30.67 3.90 -48.65
C1 EDO F . 20.41 1.07 -33.00
O1 EDO F . 19.44 1.39 -32.04
C2 EDO F . 21.76 1.84 -32.87
O2 EDO F . 22.25 1.98 -31.53
C1 EDO G . 19.72 4.45 -35.41
O1 EDO G . 19.92 5.80 -35.63
C2 EDO G . 21.08 4.07 -34.88
O2 EDO G . 21.21 4.62 -33.57
#